data_1W0P
#
_entry.id   1W0P
#
_cell.length_a   70.310
_cell.length_b   74.910
_cell.length_c   151.615
_cell.angle_alpha   90.00
_cell.angle_beta   90.00
_cell.angle_gamma   90.00
#
_symmetry.space_group_name_H-M   'P 21 21 21'
#
loop_
_entity.id
_entity.type
_entity.pdbx_description
1 polymer SIALIDASE
2 non-polymer GLYCEROL
3 non-polymer 'CALCIUM ION'
4 non-polymer 2-AMINO-2-HYDROXYMETHYL-PROPANE-1,3-DIOL
5 non-polymer 'N-acetyl-alpha-neuraminic acid'
6 water water
#
_entity_poly.entity_id   1
_entity_poly.type   'polypeptide(L)'
_entity_poly.pdbx_seq_one_letter_code
;MRFKNVKKTALMLAMFGMATSSNAALFDYNATGDTEFDSPAKQGWMQDNTNNGSGVLTNADGMPAWLVQGIGGRAQWTYS
LSTNQHAQASSFGWRMTTEMKVLSGGMITNYYANGTQRVLPIISLDSSGNLVVEFEGQTGRTVLATGTAATEYHKFELVF
LPGSNPSASFYFDGKLIRDNIQPTASKQNMIVWGNGSSNTDGVAAYRDIKFEIQGDVIFRGPDRIPSIVASSVTPGVVTA
FAEKRVGGGDPGALSNTNDIITRTSRDGGITWDTELNLTEQINVSDEFDFSDPRPIYDPSSNTVLVSYARWPTDAAQNGD
RIKPWMPNGIFYSVYDVASGNWQAPIDVTDQVKERSFQIAGWGGSELYRRNTSLNSQQDWQSNAKIRIVDGAANQIQVAD
GSRKYVVTLSIDESGGLVANLNGVSAPIILQSEHAKVHSFHDYELQYSALNHTTTLFVDGQQITTWAGEVSQENNIQFGN
ADAQIDGRLHVQKIVLTQQGHNLVEFDAFYLAQQTPEVEKDLEKLGWTKIKTGNTMSLYGNASVNPGPGHGITLTRQQNI
SGSQNGRLIYPAIVLDRFFLNVMSIYSDDGGSNWQTGSTLPIPFRWKSSSILETLEPSEADMVELQNGDLLLTARLDFNQ
IVNGVNYSPRQQFLSKDGGITWSLLEANNANVFSNISTGTVDASITRFEQSDGSHFLLFTNPQGNPAGTNGRQNLGLWFS
FDEGVTWKGPIQLVNGASAYSDIYQLDSENAIVIVETDNSNMRILRMPITLLKQKLTLSQN
;
_entity_poly.pdbx_strand_id   A
#
loop_
_chem_comp.id
_chem_comp.type
_chem_comp.name
_chem_comp.formula
CA non-polymer 'CALCIUM ION' 'Ca 2'
GOL non-polymer GLYCEROL 'C3 H8 O3'
SIA D-saccharide, alpha linking 'N-acetyl-alpha-neuraminic acid' 'C11 H19 N O9'
TRS non-polymer 2-AMINO-2-HYDROXYMETHYL-PROPANE-1,3-DIOL 'C4 H12 N O3 1'
#
# COMPACT_ATOMS: atom_id res chain seq x y z
N ALA A 25 22.06 9.30 7.47
CA ALA A 25 23.53 9.10 7.38
C ALA A 25 24.02 8.38 8.63
N LEU A 26 25.01 7.51 8.46
CA LEU A 26 25.56 6.74 9.57
C LEU A 26 27.02 7.08 9.83
N PHE A 27 27.34 7.30 11.11
CA PHE A 27 28.69 7.60 11.55
C PHE A 27 28.98 6.51 12.57
N ASP A 28 29.93 5.65 12.26
CA ASP A 28 30.19 4.53 13.16
C ASP A 28 31.62 4.04 13.29
N TYR A 29 31.79 3.12 14.22
CA TYR A 29 33.05 2.44 14.49
C TYR A 29 32.71 0.99 14.74
N ASN A 30 33.37 0.10 14.01
CA ASN A 30 33.15 -1.34 14.18
C ASN A 30 34.53 -1.90 14.45
N ALA A 31 34.71 -2.46 15.64
CA ALA A 31 36.01 -3.00 16.02
C ALA A 31 36.45 -4.18 15.19
N THR A 32 37.65 -4.09 14.64
CA THR A 32 38.21 -5.17 13.82
C THR A 32 39.73 -5.17 13.89
N GLY A 33 40.31 -6.32 13.61
CA GLY A 33 41.75 -6.46 13.60
C GLY A 33 42.30 -6.20 12.22
N ASP A 34 41.42 -6.06 11.24
CA ASP A 34 41.84 -5.79 9.87
C ASP A 34 42.68 -4.51 9.89
N THR A 35 43.92 -4.63 9.44
CA THR A 35 44.87 -3.52 9.42
C THR A 35 44.34 -2.19 8.91
N GLU A 36 43.65 -2.22 7.78
CA GLU A 36 43.12 -1.00 7.18
C GLU A 36 42.15 -0.22 8.06
N PHE A 37 41.51 -0.92 9.00
CA PHE A 37 40.55 -0.28 9.89
C PHE A 37 40.72 -0.70 11.35
N ASP A 38 41.96 -1.02 11.73
CA ASP A 38 42.23 -1.49 13.10
C ASP A 38 42.23 -0.47 14.23
N SER A 39 41.64 0.69 14.00
CA SER A 39 41.56 1.74 15.02
C SER A 39 40.46 2.72 14.66
N PRO A 40 39.87 3.40 15.66
CA PRO A 40 38.81 4.36 15.33
C PRO A 40 39.33 5.47 14.42
N ALA A 41 40.62 5.77 14.54
CA ALA A 41 41.24 6.82 13.73
C ALA A 41 41.19 6.48 12.25
N LYS A 42 41.23 5.19 11.93
CA LYS A 42 41.18 4.74 10.55
C LYS A 42 39.75 4.60 10.07
N GLN A 43 38.81 4.91 10.96
CA GLN A 43 37.39 4.84 10.62
C GLN A 43 36.74 6.21 10.74
N GLY A 44 37.56 7.26 10.62
CA GLY A 44 37.06 8.62 10.66
C GLY A 44 36.97 9.35 11.99
N TRP A 45 37.27 8.68 13.09
CA TRP A 45 37.19 9.35 14.38
C TRP A 45 38.47 10.06 14.76
N MET A 46 38.34 11.10 15.57
CA MET A 46 39.48 11.89 16.03
C MET A 46 39.76 11.64 17.50
N GLN A 47 41.00 11.32 17.80
CA GLN A 47 41.44 11.05 19.17
C GLN A 47 41.41 12.35 19.99
N ASP A 48 40.85 12.27 21.19
CA ASP A 48 40.74 13.44 22.06
C ASP A 48 41.04 13.06 23.51
N ASN A 49 42.30 12.78 23.79
CA ASN A 49 42.72 12.39 25.12
C ASN A 49 43.47 13.51 25.84
N THR A 50 43.72 13.30 27.13
CA THR A 50 44.48 14.25 27.93
C THR A 50 45.35 13.44 28.89
N ASN A 51 46.46 14.02 29.30
CA ASN A 51 47.39 13.35 30.21
C ASN A 51 47.70 11.91 29.83
N ASN A 52 47.37 10.96 30.71
CA ASN A 52 47.66 9.55 30.47
C ASN A 52 46.59 8.76 29.73
N GLY A 53 45.55 9.45 29.26
CA GLY A 53 44.50 8.76 28.53
C GLY A 53 45.02 8.12 27.26
N SER A 54 44.54 6.91 26.96
CA SER A 54 44.98 6.20 25.77
C SER A 54 43.97 5.15 25.33
N GLY A 55 44.41 4.24 24.48
CA GLY A 55 43.52 3.20 23.99
C GLY A 55 44.28 2.13 23.24
N VAL A 56 43.68 0.97 23.09
CA VAL A 56 44.33 -0.14 22.38
C VAL A 56 43.28 -1.15 21.96
N LEU A 57 43.54 -1.85 20.86
CA LEU A 57 42.62 -2.87 20.39
C LEU A 57 42.83 -4.09 21.29
N THR A 58 41.75 -4.63 21.83
CA THR A 58 41.86 -5.80 22.70
C THR A 58 41.14 -7.00 22.11
N ASN A 59 41.63 -8.19 22.42
CA ASN A 59 41.04 -9.43 21.94
C ASN A 59 40.59 -10.26 23.13
N ALA A 60 39.35 -10.74 23.09
CA ALA A 60 38.80 -11.55 24.17
C ALA A 60 38.33 -12.90 23.68
N ASP A 61 37.02 -13.04 23.52
CA ASP A 61 36.43 -14.29 23.05
C ASP A 61 36.40 -14.36 21.53
N GLY A 62 37.54 -14.06 20.91
CA GLY A 62 37.62 -14.09 19.46
C GLY A 62 36.94 -12.90 18.82
N MET A 63 36.52 -11.94 19.64
CA MET A 63 35.86 -10.74 19.13
C MET A 63 36.63 -9.49 19.55
N PRO A 64 37.27 -8.82 18.59
CA PRO A 64 38.02 -7.60 18.92
C PRO A 64 37.14 -6.46 19.42
N ALA A 65 37.74 -5.56 20.20
CA ALA A 65 37.05 -4.41 20.74
C ALA A 65 38.09 -3.33 21.02
N TRP A 66 37.66 -2.08 21.03
CA TRP A 66 38.60 -1.00 21.31
C TRP A 66 38.50 -0.69 22.80
N LEU A 67 39.62 -0.81 23.49
CA LEU A 67 39.68 -0.54 24.92
C LEU A 67 40.07 0.91 25.19
N VAL A 68 39.13 1.67 25.74
CA VAL A 68 39.36 3.07 26.09
C VAL A 68 39.96 3.08 27.50
N GLN A 69 41.16 3.62 27.63
CA GLN A 69 41.86 3.66 28.92
C GLN A 69 41.94 5.08 29.48
N GLY A 70 40.92 5.46 30.24
CA GLY A 70 40.88 6.78 30.82
C GLY A 70 41.34 6.86 32.26
N ILE A 71 42.53 6.32 32.53
CA ILE A 71 43.09 6.34 33.87
C ILE A 71 44.14 7.43 33.90
N GLY A 72 43.92 8.44 34.76
CA GLY A 72 44.87 9.53 34.85
C GLY A 72 44.75 10.44 33.64
N GLY A 73 43.53 10.57 33.11
CA GLY A 73 43.31 11.42 31.96
C GLY A 73 42.07 11.07 31.18
N ARG A 74 41.69 11.95 30.26
CA ARG A 74 40.51 11.73 29.41
C ARG A 74 40.92 10.84 28.25
N ALA A 75 40.00 9.98 27.82
CA ALA A 75 40.25 9.09 26.69
C ALA A 75 38.93 8.99 25.94
N GLN A 76 38.83 9.68 24.82
CA GLN A 76 37.61 9.64 24.04
C GLN A 76 37.85 9.84 22.56
N TRP A 77 36.81 9.55 21.77
CA TRP A 77 36.85 9.70 20.33
C TRP A 77 35.73 10.63 19.91
N THR A 78 35.99 11.49 18.93
CA THR A 78 34.98 12.44 18.49
C THR A 78 34.80 12.47 16.97
N TYR A 79 33.62 12.91 16.56
CA TYR A 79 33.29 13.02 15.14
C TYR A 79 32.57 14.35 14.97
N SER A 80 33.08 15.19 14.08
CA SER A 80 32.48 16.50 13.85
C SER A 80 31.48 16.44 12.70
N LEU A 81 30.40 17.19 12.86
CA LEU A 81 29.36 17.26 11.84
C LEU A 81 29.26 18.68 11.32
N SER A 82 28.80 18.82 10.09
CA SER A 82 28.66 20.14 9.47
C SER A 82 27.46 20.85 10.12
N THR A 83 27.38 22.16 9.90
CA THR A 83 26.27 22.93 10.44
C THR A 83 24.97 22.35 9.88
N ASN A 84 25.03 21.87 8.65
CA ASN A 84 23.87 21.30 7.97
C ASN A 84 23.41 19.97 8.58
N GLN A 85 24.36 19.13 8.98
CA GLN A 85 24.03 17.84 9.56
C GLN A 85 23.40 17.99 10.94
N HIS A 86 23.93 18.91 11.74
CA HIS A 86 23.37 19.14 13.07
C HIS A 86 21.94 19.63 12.90
N ALA A 87 21.73 20.49 11.92
CA ALA A 87 20.40 21.02 11.64
C ALA A 87 19.44 19.90 11.23
N GLN A 88 19.95 18.92 10.50
CA GLN A 88 19.13 17.80 10.04
C GLN A 88 18.75 16.89 11.20
N ALA A 89 19.70 16.66 12.09
CA ALA A 89 19.46 15.80 13.25
C ALA A 89 18.39 16.40 14.15
N SER A 90 18.48 17.70 14.39
CA SER A 90 17.50 18.39 15.23
C SER A 90 16.13 18.39 14.57
N SER A 91 16.12 18.54 13.26
CA SER A 91 14.86 18.58 12.52
C SER A 91 14.17 17.23 12.32
N PHE A 92 14.94 16.17 12.07
CA PHE A 92 14.36 14.86 11.83
C PHE A 92 14.64 13.75 12.85
N GLY A 93 15.51 14.02 13.83
CA GLY A 93 15.79 13.01 14.83
C GLY A 93 17.06 12.22 14.58
N TRP A 94 17.49 11.48 15.60
CA TRP A 94 18.71 10.68 15.52
C TRP A 94 18.67 9.50 16.46
N ARG A 95 19.66 8.62 16.33
CA ARG A 95 19.74 7.42 17.15
C ARG A 95 21.20 7.08 17.38
N MET A 96 21.55 6.71 18.62
CA MET A 96 22.92 6.34 18.93
C MET A 96 22.90 4.98 19.62
N THR A 97 23.64 4.02 19.08
CA THR A 97 23.70 2.68 19.62
C THR A 97 25.13 2.31 19.97
N THR A 98 25.32 1.70 21.13
CA THR A 98 26.65 1.33 21.58
C THR A 98 26.66 -0.09 22.17
N GLU A 99 27.67 -0.87 21.80
CA GLU A 99 27.85 -2.21 22.34
C GLU A 99 29.18 -2.13 23.08
N MET A 100 29.13 -2.12 24.41
CA MET A 100 30.34 -2.01 25.20
C MET A 100 30.26 -2.73 26.53
N LYS A 101 31.41 -2.85 27.16
CA LYS A 101 31.55 -3.48 28.47
C LYS A 101 32.32 -2.49 29.31
N VAL A 102 31.85 -2.23 30.53
CA VAL A 102 32.55 -1.31 31.42
C VAL A 102 33.43 -2.13 32.34
N LEU A 103 34.74 -1.86 32.33
CA LEU A 103 35.69 -2.59 33.16
C LEU A 103 35.86 -1.98 34.55
N SER A 104 35.88 -0.65 34.61
CA SER A 104 36.05 0.02 35.89
C SER A 104 35.83 1.53 35.80
N GLY A 105 35.63 2.15 36.96
CA GLY A 105 35.48 3.59 37.00
C GLY A 105 34.13 4.15 36.58
N GLY A 106 34.15 5.41 36.15
CA GLY A 106 32.94 6.08 35.74
C GLY A 106 33.14 7.08 34.61
N MET A 107 32.18 7.97 34.47
CA MET A 107 32.20 8.97 33.41
C MET A 107 32.39 8.36 32.03
N ILE A 108 31.68 7.26 31.78
CA ILE A 108 31.72 6.63 30.47
C ILE A 108 30.59 7.36 29.77
N THR A 109 30.97 8.32 28.94
CA THR A 109 30.06 9.20 28.24
C THR A 109 29.97 9.01 26.73
N ASN A 110 28.87 8.44 26.25
CA ASN A 110 28.66 8.23 24.83
C ASN A 110 27.45 9.10 24.53
N TYR A 111 27.67 10.19 23.79
CA TYR A 111 26.57 11.11 23.52
C TYR A 111 26.78 11.97 22.28
N TYR A 112 25.80 12.84 22.03
CA TYR A 112 25.82 13.74 20.90
C TYR A 112 25.47 15.15 21.35
N ALA A 113 26.29 16.11 20.96
CA ALA A 113 26.04 17.50 21.32
C ALA A 113 26.06 18.34 20.05
N ASN A 114 25.14 19.29 19.95
CA ASN A 114 25.12 20.17 18.79
C ASN A 114 25.52 21.54 19.35
N GLY A 115 25.57 22.56 18.50
CA GLY A 115 25.98 23.86 19.01
C GLY A 115 24.97 24.54 19.91
N THR A 116 24.30 23.77 20.78
CA THR A 116 23.31 24.37 21.69
C THR A 116 22.91 23.51 22.87
N GLN A 117 22.69 22.22 22.64
CA GLN A 117 22.28 21.33 23.71
C GLN A 117 22.75 19.90 23.50
N ARG A 118 22.49 19.06 24.49
CA ARG A 118 22.90 17.66 24.43
C ARG A 118 22.07 16.80 25.37
N VAL A 119 22.06 15.51 25.10
CA VAL A 119 21.37 14.53 25.94
C VAL A 119 22.56 13.70 26.43
N LEU A 120 22.87 13.80 27.72
CA LEU A 120 24.03 13.09 28.24
C LEU A 120 23.84 12.02 29.30
N PRO A 121 23.94 10.74 28.90
CA PRO A 121 23.80 9.64 29.86
C PRO A 121 25.21 9.44 30.40
N ILE A 122 25.35 9.18 31.70
CA ILE A 122 26.66 8.96 32.28
C ILE A 122 26.63 7.56 32.88
N ILE A 123 27.43 6.68 32.30
CA ILE A 123 27.49 5.29 32.75
C ILE A 123 28.70 5.07 33.64
N SER A 124 28.52 4.25 34.68
CA SER A 124 29.61 3.98 35.60
C SER A 124 29.35 2.74 36.44
N LEU A 125 30.36 2.35 37.20
CA LEU A 125 30.24 1.23 38.13
C LEU A 125 30.28 1.92 39.49
N ASP A 126 29.34 1.61 40.37
CA ASP A 126 29.37 2.27 41.67
C ASP A 126 30.38 1.62 42.59
N SER A 127 30.47 2.09 43.83
CA SER A 127 31.44 1.55 44.78
C SER A 127 31.28 0.06 45.06
N SER A 128 30.10 -0.49 44.77
CA SER A 128 29.85 -1.91 44.99
C SER A 128 30.05 -2.74 43.73
N GLY A 129 30.34 -2.06 42.62
CA GLY A 129 30.56 -2.76 41.37
C GLY A 129 29.35 -2.85 40.47
N ASN A 130 28.23 -2.22 40.86
CA ASN A 130 27.03 -2.26 40.04
C ASN A 130 27.13 -1.32 38.85
N LEU A 131 26.56 -1.74 37.73
CA LEU A 131 26.55 -0.92 36.52
C LEU A 131 25.35 0.02 36.66
N VAL A 132 25.59 1.32 36.61
CA VAL A 132 24.51 2.30 36.76
C VAL A 132 24.57 3.42 35.74
N VAL A 133 23.45 4.12 35.58
CA VAL A 133 23.35 5.24 34.65
C VAL A 133 22.66 6.44 35.30
N GLU A 134 23.19 7.61 34.99
CA GLU A 134 22.66 8.88 35.48
C GLU A 134 22.47 9.75 34.23
N PHE A 135 21.64 10.77 34.34
CA PHE A 135 21.41 11.65 33.19
C PHE A 135 21.59 13.10 33.60
N GLU A 136 22.37 13.85 32.82
CA GLU A 136 22.59 15.25 33.14
C GLU A 136 21.22 15.92 33.12
N GLY A 137 20.91 16.66 34.17
CA GLY A 137 19.63 17.33 34.24
C GLY A 137 18.63 16.61 35.12
N GLN A 138 18.95 15.39 35.51
CA GLN A 138 18.07 14.61 36.37
C GLN A 138 18.80 14.14 37.61
N THR A 139 18.10 14.08 38.73
CA THR A 139 18.69 13.65 39.98
C THR A 139 18.52 12.14 40.15
N GLY A 140 19.39 11.54 40.96
CA GLY A 140 19.30 10.11 41.19
C GLY A 140 20.05 9.27 40.18
N ARG A 141 19.75 7.97 40.16
CA ARG A 141 20.40 7.04 39.25
C ARG A 141 19.53 5.81 39.06
N THR A 142 19.91 4.98 38.11
CA THR A 142 19.21 3.75 37.84
C THR A 142 20.23 2.62 37.71
N VAL A 143 20.04 1.55 38.48
CA VAL A 143 20.93 0.41 38.44
C VAL A 143 20.56 -0.45 37.22
N LEU A 144 21.52 -0.68 36.33
CA LEU A 144 21.26 -1.47 35.14
C LEU A 144 21.57 -2.97 35.31
N ALA A 145 22.65 -3.27 36.01
CA ALA A 145 23.05 -4.65 36.24
C ALA A 145 23.92 -4.79 37.48
N THR A 146 23.90 -5.98 38.07
CA THR A 146 24.70 -6.27 39.26
C THR A 146 25.43 -7.59 39.06
N GLY A 147 26.35 -7.91 39.98
CA GLY A 147 27.08 -9.15 39.87
C GLY A 147 27.96 -9.20 38.63
N THR A 148 28.21 -10.39 38.12
CA THR A 148 29.05 -10.55 36.93
C THR A 148 28.52 -9.78 35.72
N ALA A 149 27.20 -9.66 35.62
CA ALA A 149 26.58 -8.95 34.50
C ALA A 149 27.03 -7.50 34.40
N ALA A 150 27.39 -6.91 35.53
CA ALA A 150 27.81 -5.52 35.55
C ALA A 150 29.01 -5.23 34.66
N THR A 151 29.90 -6.21 34.51
CA THR A 151 31.08 -6.02 33.68
C THR A 151 31.10 -6.85 32.40
N GLU A 152 29.93 -7.15 31.87
CA GLU A 152 29.81 -7.91 30.62
C GLU A 152 29.34 -6.94 29.53
N TYR A 153 29.36 -7.38 28.28
CA TYR A 153 28.92 -6.54 27.18
C TYR A 153 27.41 -6.34 27.20
N HIS A 154 26.98 -5.13 26.86
CA HIS A 154 25.57 -4.78 26.77
C HIS A 154 25.35 -3.82 25.62
N LYS A 155 24.10 -3.75 25.16
CA LYS A 155 23.75 -2.86 24.07
C LYS A 155 22.96 -1.69 24.64
N PHE A 156 23.45 -0.48 24.39
CA PHE A 156 22.79 0.72 24.87
C PHE A 156 22.22 1.49 23.69
N GLU A 157 21.01 2.03 23.84
CA GLU A 157 20.41 2.79 22.76
C GLU A 157 19.75 4.08 23.24
N LEU A 158 20.03 5.16 22.51
CA LEU A 158 19.48 6.47 22.82
C LEU A 158 18.74 6.91 21.56
N VAL A 159 17.44 7.18 21.70
CA VAL A 159 16.61 7.58 20.57
C VAL A 159 16.00 8.96 20.78
N PHE A 160 16.22 9.84 19.81
CA PHE A 160 15.71 11.20 19.88
C PHE A 160 14.64 11.42 18.82
N LEU A 161 13.44 11.77 19.25
CA LEU A 161 12.32 12.03 18.37
C LEU A 161 12.08 13.53 18.28
N PRO A 162 11.90 14.06 17.07
CA PRO A 162 11.66 15.49 16.86
C PRO A 162 10.26 15.91 17.26
N GLY A 163 10.06 17.20 17.44
CA GLY A 163 8.75 17.71 17.82
C GLY A 163 8.82 19.05 18.53
N SER A 164 7.66 19.56 18.92
CA SER A 164 7.58 20.84 19.62
C SER A 164 8.30 20.67 20.96
N ASN A 165 8.13 19.48 21.53
CA ASN A 165 8.76 19.14 22.81
C ASN A 165 9.64 17.92 22.60
N PRO A 166 10.78 18.11 21.90
CA PRO A 166 11.72 17.03 21.61
C PRO A 166 12.35 16.42 22.86
N SER A 167 12.35 15.09 22.93
CA SER A 167 12.93 14.39 24.06
C SER A 167 13.59 13.10 23.59
N ALA A 168 14.39 12.50 24.46
CA ALA A 168 15.06 11.25 24.12
C ALA A 168 14.66 10.13 25.06
N SER A 169 14.86 8.90 24.60
CA SER A 169 14.55 7.72 25.40
C SER A 169 15.80 6.83 25.43
N PHE A 170 16.07 6.24 26.58
CA PHE A 170 17.24 5.40 26.79
C PHE A 170 16.85 3.94 26.99
N TYR A 171 17.54 3.03 26.30
CA TYR A 171 17.26 1.61 26.39
C TYR A 171 18.50 0.80 26.72
N PHE A 172 18.31 -0.24 27.52
CA PHE A 172 19.39 -1.12 27.96
C PHE A 172 19.01 -2.55 27.55
N ASP A 173 19.78 -3.11 26.62
CA ASP A 173 19.51 -4.45 26.11
C ASP A 173 18.08 -4.58 25.61
N GLY A 174 17.61 -3.54 24.93
CA GLY A 174 16.28 -3.55 24.37
C GLY A 174 15.15 -3.10 25.28
N LYS A 175 15.45 -2.85 26.55
CA LYS A 175 14.44 -2.43 27.51
C LYS A 175 14.47 -0.95 27.85
N LEU A 176 13.31 -0.31 27.80
CA LEU A 176 13.20 1.12 28.11
C LEU A 176 13.58 1.37 29.56
N ILE A 177 14.54 2.26 29.77
CA ILE A 177 15.02 2.60 31.11
C ILE A 177 14.54 3.98 31.56
N ARG A 178 14.67 4.96 30.68
CA ARG A 178 14.27 6.32 30.97
C ARG A 178 13.66 6.94 29.72
N ASP A 179 12.50 7.57 29.88
CA ASP A 179 11.83 8.19 28.75
C ASP A 179 11.68 9.69 28.98
N ASN A 180 11.35 10.42 27.93
CA ASN A 180 11.17 11.86 28.00
C ASN A 180 12.37 12.61 28.59
N ILE A 181 13.57 12.17 28.25
CA ILE A 181 14.78 12.82 28.73
C ILE A 181 14.88 14.18 28.02
N GLN A 182 14.93 15.26 28.79
CA GLN A 182 15.00 16.59 28.23
C GLN A 182 16.44 17.03 27.97
N PRO A 183 16.71 17.61 26.79
CA PRO A 183 18.06 18.07 26.46
C PRO A 183 18.53 19.18 27.40
N THR A 184 19.83 19.22 27.65
CA THR A 184 20.42 20.22 28.53
C THR A 184 21.38 21.13 27.77
N ALA A 185 21.54 22.35 28.27
CA ALA A 185 22.41 23.33 27.64
C ALA A 185 23.86 22.88 27.55
N SER A 186 24.47 23.10 26.39
CA SER A 186 25.87 22.72 26.18
C SER A 186 26.42 23.37 24.93
N LYS A 187 27.67 23.79 24.99
CA LYS A 187 28.33 24.42 23.85
C LYS A 187 29.10 23.41 23.03
N GLN A 188 29.26 22.19 23.56
CA GLN A 188 29.98 21.16 22.83
C GLN A 188 29.23 20.89 21.52
N ASN A 189 29.98 20.47 20.50
CA ASN A 189 29.39 20.21 19.20
C ASN A 189 30.12 19.06 18.52
N MET A 190 29.68 17.84 18.81
CA MET A 190 30.32 16.65 18.26
C MET A 190 29.74 15.35 18.83
N ILE A 191 29.93 14.26 18.10
CA ILE A 191 29.49 12.93 18.54
C ILE A 191 30.68 12.43 19.35
N VAL A 192 30.43 11.90 20.54
CA VAL A 192 31.50 11.46 21.41
C VAL A 192 31.28 10.13 22.11
N TRP A 193 32.35 9.36 22.26
CA TRP A 193 32.30 8.09 23.00
C TRP A 193 33.62 7.83 23.71
N GLY A 194 33.52 7.24 24.89
CA GLY A 194 34.71 6.96 25.69
C GLY A 194 34.57 7.49 27.10
N ASN A 195 35.70 7.77 27.73
CA ASN A 195 35.71 8.30 29.09
C ASN A 195 35.94 9.80 29.01
N GLY A 196 34.86 10.57 29.12
CA GLY A 196 34.93 12.01 29.01
C GLY A 196 35.23 12.80 30.28
N SER A 197 36.33 12.48 30.94
CA SER A 197 36.71 13.17 32.16
C SER A 197 38.20 12.98 32.47
N SER A 198 38.88 14.08 32.77
CA SER A 198 40.31 14.01 33.09
C SER A 198 40.54 13.56 34.53
N ASN A 199 39.63 13.93 35.42
CA ASN A 199 39.76 13.59 36.83
C ASN A 199 39.16 12.23 37.24
N THR A 200 38.07 11.85 36.59
CA THR A 200 37.42 10.57 36.91
C THR A 200 37.96 9.45 36.01
N ASP A 201 38.57 8.44 36.63
CA ASP A 201 39.11 7.30 35.88
C ASP A 201 38.00 6.41 35.36
N GLY A 202 38.15 5.95 34.11
CA GLY A 202 37.16 5.08 33.52
C GLY A 202 37.78 4.23 32.43
N VAL A 203 37.41 2.95 32.39
CA VAL A 203 37.93 2.04 31.38
C VAL A 203 36.75 1.23 30.84
N ALA A 204 36.61 1.18 29.52
CA ALA A 204 35.52 0.45 28.89
C ALA A 204 35.95 -0.06 27.52
N ALA A 205 35.43 -1.22 27.11
CA ALA A 205 35.78 -1.82 25.83
C ALA A 205 34.58 -1.72 24.89
N TYR A 206 34.83 -1.24 23.68
CA TYR A 206 33.77 -1.04 22.69
C TYR A 206 33.84 -1.93 21.47
N ARG A 207 32.75 -2.65 21.19
CA ARG A 207 32.69 -3.51 20.01
C ARG A 207 32.12 -2.73 18.83
N ASP A 208 31.20 -1.81 19.12
CA ASP A 208 30.58 -1.04 18.05
C ASP A 208 29.90 0.23 18.56
N ILE A 209 29.95 1.26 17.72
CA ILE A 209 29.34 2.56 17.99
C ILE A 209 28.63 2.99 16.71
N LYS A 210 27.36 3.36 16.79
CA LYS A 210 26.63 3.81 15.60
C LYS A 210 25.79 5.03 15.90
N PHE A 211 26.04 6.14 15.20
CA PHE A 211 25.24 7.35 15.35
C PHE A 211 24.59 7.59 14.00
N GLU A 212 23.26 7.62 13.98
CA GLU A 212 22.53 7.82 12.74
C GLU A 212 21.63 9.05 12.74
N ILE A 213 21.74 9.85 11.68
CA ILE A 213 20.91 11.04 11.53
C ILE A 213 19.80 10.61 10.60
N GLN A 214 18.56 10.82 11.03
CA GLN A 214 17.40 10.43 10.21
C GLN A 214 17.07 11.49 9.16
N GLY A 215 16.24 11.09 8.20
CA GLY A 215 15.78 12.04 7.19
C GLY A 215 16.56 12.30 5.91
N ASP A 216 17.50 11.44 5.55
CA ASP A 216 18.24 11.68 4.30
C ASP A 216 17.28 11.72 3.11
N VAL A 217 17.50 12.66 2.20
CA VAL A 217 16.66 12.79 1.01
C VAL A 217 17.08 11.73 -0.01
N ILE A 218 16.09 10.97 -0.49
CA ILE A 218 16.32 9.90 -1.46
C ILE A 218 15.85 10.30 -2.87
N PHE A 219 14.76 11.08 -2.92
CA PHE A 219 14.20 11.58 -4.18
C PHE A 219 13.85 13.05 -3.92
N ARG A 220 14.16 13.94 -4.87
CA ARG A 220 13.87 15.36 -4.68
C ARG A 220 12.62 15.86 -5.40
N GLY A 221 11.91 16.79 -4.78
CA GLY A 221 10.73 17.35 -5.40
C GLY A 221 11.19 18.09 -6.65
N PRO A 222 10.32 18.32 -7.65
CA PRO A 222 8.91 17.96 -7.75
C PRO A 222 8.54 16.49 -7.93
N ASP A 223 9.49 15.58 -7.80
CA ASP A 223 9.14 14.17 -7.90
C ASP A 223 8.25 13.90 -6.68
N ARG A 224 7.37 12.91 -6.77
CA ARG A 224 6.45 12.59 -5.67
C ARG A 224 5.96 11.13 -5.72
N ILE A 225 5.08 10.82 -4.76
CA ILE A 225 4.42 9.51 -4.64
C ILE A 225 5.35 8.32 -4.39
N PRO A 226 5.90 8.24 -3.16
CA PRO A 226 6.82 7.17 -2.74
C PRO A 226 6.24 5.84 -2.29
N SER A 227 7.01 4.77 -2.49
CA SER A 227 6.65 3.43 -2.06
C SER A 227 7.96 2.70 -1.76
N ILE A 228 7.88 1.66 -0.94
CA ILE A 228 9.12 0.96 -0.59
C ILE A 228 8.85 -0.46 -0.11
N VAL A 229 9.81 -1.34 -0.36
CA VAL A 229 9.75 -2.74 0.09
C VAL A 229 11.17 -3.20 0.40
N ALA A 230 11.29 -4.24 1.20
CA ALA A 230 12.60 -4.77 1.59
C ALA A 230 12.58 -6.29 1.50
N SER A 231 13.75 -6.88 1.23
CA SER A 231 13.89 -8.32 1.09
C SER A 231 14.15 -9.04 2.42
N SER A 232 13.46 -10.15 2.63
CA SER A 232 13.64 -10.94 3.86
C SER A 232 14.64 -12.07 3.58
N VAL A 233 14.75 -12.48 2.32
CA VAL A 233 15.68 -13.54 1.94
C VAL A 233 17.11 -13.00 1.92
N THR A 234 17.26 -11.75 1.49
CA THR A 234 18.57 -11.10 1.44
C THR A 234 18.47 -9.85 2.32
N PRO A 235 18.65 -10.02 3.63
CA PRO A 235 18.59 -8.94 4.61
C PRO A 235 19.41 -7.72 4.19
N GLY A 236 18.79 -6.54 4.26
CA GLY A 236 19.51 -5.34 3.90
C GLY A 236 19.16 -4.78 2.53
N VAL A 237 18.57 -5.59 1.66
CA VAL A 237 18.22 -5.07 0.35
C VAL A 237 16.86 -4.38 0.42
N VAL A 238 16.85 -3.10 0.04
CA VAL A 238 15.65 -2.28 0.05
C VAL A 238 15.48 -1.60 -1.30
N THR A 239 14.27 -1.60 -1.84
CA THR A 239 14.04 -0.94 -3.11
C THR A 239 12.93 0.09 -2.95
N ALA A 240 13.23 1.33 -3.32
CA ALA A 240 12.28 2.43 -3.20
C ALA A 240 11.90 2.96 -4.57
N PHE A 241 10.71 3.55 -4.64
CA PHE A 241 10.17 4.07 -5.89
C PHE A 241 9.48 5.42 -5.72
N ALA A 242 9.35 6.12 -6.83
CA ALA A 242 8.68 7.41 -6.85
C ALA A 242 8.36 7.75 -8.30
N GLU A 243 7.66 8.85 -8.50
CA GLU A 243 7.34 9.33 -9.84
C GLU A 243 8.29 10.47 -10.20
N LYS A 244 9.00 10.31 -11.31
CA LYS A 244 9.90 11.35 -11.82
C LYS A 244 8.96 12.26 -12.60
N ARG A 245 8.74 13.48 -12.10
CA ARG A 245 7.81 14.39 -12.75
C ARG A 245 8.51 15.57 -13.40
N VAL A 246 8.92 15.40 -14.66
CA VAL A 246 9.59 16.47 -15.39
C VAL A 246 8.54 17.49 -15.78
N GLY A 247 8.61 18.65 -15.15
CA GLY A 247 7.64 19.70 -15.39
C GLY A 247 6.75 19.79 -14.16
N GLY A 248 6.85 18.76 -13.31
CA GLY A 248 6.07 18.70 -12.08
C GLY A 248 4.58 18.42 -12.29
N GLY A 249 3.89 18.07 -11.21
CA GLY A 249 2.46 17.84 -11.30
C GLY A 249 1.96 16.43 -11.56
N ASP A 250 0.67 16.22 -11.32
CA ASP A 250 0.05 14.93 -11.51
C ASP A 250 0.04 14.55 -12.97
N PRO A 251 -0.05 13.24 -13.25
CA PRO A 251 -0.08 12.76 -14.63
C PRO A 251 -1.26 13.34 -15.40
N GLY A 252 -1.11 13.45 -16.71
CA GLY A 252 -2.18 13.98 -17.55
C GLY A 252 -1.98 15.40 -18.02
N ALA A 253 -0.93 16.06 -17.54
CA ALA A 253 -0.67 17.43 -17.93
C ALA A 253 0.20 17.55 -19.18
N LEU A 254 -0.17 18.45 -20.06
CA LEU A 254 0.58 18.65 -21.29
C LEU A 254 1.97 19.19 -20.93
N SER A 255 2.06 19.90 -19.80
CA SER A 255 3.32 20.48 -19.36
C SER A 255 4.28 19.54 -18.63
N ASN A 256 3.95 18.26 -18.51
CA ASN A 256 4.87 17.33 -17.87
C ASN A 256 5.01 15.99 -18.57
N THR A 257 6.12 15.32 -18.29
CA THR A 257 6.37 13.98 -18.81
C THR A 257 6.84 13.23 -17.57
N ASN A 258 5.99 12.34 -17.07
CA ASN A 258 6.30 11.59 -15.86
C ASN A 258 6.70 10.14 -16.09
N ASP A 259 7.70 9.67 -15.36
CA ASP A 259 8.17 8.30 -15.47
C ASP A 259 8.29 7.69 -14.07
N ILE A 260 8.59 6.39 -14.01
CA ILE A 260 8.77 5.72 -12.72
C ILE A 260 10.27 5.61 -12.47
N ILE A 261 10.71 6.02 -11.27
CA ILE A 261 12.13 5.91 -10.92
C ILE A 261 12.29 5.04 -9.68
N THR A 262 13.49 4.49 -9.51
CA THR A 262 13.78 3.63 -8.38
C THR A 262 15.23 3.74 -7.93
N ARG A 263 15.47 3.39 -6.67
CA ARG A 263 16.82 3.38 -6.13
C ARG A 263 16.89 2.18 -5.21
N THR A 264 18.04 1.52 -5.19
CA THR A 264 18.21 0.34 -4.34
C THR A 264 19.33 0.51 -3.33
N SER A 265 19.13 -0.06 -2.14
CA SER A 265 20.13 -0.05 -1.09
C SER A 265 20.40 -1.50 -0.73
N ARG A 266 21.65 -1.81 -0.39
CA ARG A 266 21.98 -3.17 0.00
C ARG A 266 22.49 -3.19 1.44
N ASP A 267 22.43 -2.04 2.10
CA ASP A 267 22.89 -1.97 3.48
C ASP A 267 21.81 -1.50 4.46
N GLY A 268 20.56 -1.85 4.16
CA GLY A 268 19.46 -1.51 5.03
C GLY A 268 18.84 -0.13 4.89
N GLY A 269 19.10 0.53 3.76
CA GLY A 269 18.53 1.85 3.55
C GLY A 269 19.43 3.00 3.95
N ILE A 270 20.71 2.70 4.15
CA ILE A 270 21.68 3.73 4.53
C ILE A 270 22.24 4.42 3.29
N THR A 271 22.78 3.62 2.37
CA THR A 271 23.33 4.16 1.13
C THR A 271 22.48 3.64 -0.02
N TRP A 272 22.37 4.44 -1.07
CA TRP A 272 21.54 4.09 -2.22
C TRP A 272 22.30 4.21 -3.54
N ASP A 273 21.92 3.38 -4.52
CA ASP A 273 22.58 3.44 -5.82
C ASP A 273 21.96 4.51 -6.70
N THR A 274 22.41 4.57 -7.96
CA THR A 274 21.95 5.58 -8.90
C THR A 274 20.45 5.53 -9.22
N GLU A 275 19.81 6.71 -9.23
CA GLU A 275 18.39 6.82 -9.56
C GLU A 275 18.22 6.24 -10.97
N LEU A 276 17.30 5.28 -11.10
CA LEU A 276 17.05 4.62 -12.37
C LEU A 276 15.64 4.85 -12.91
N ASN A 277 15.57 5.27 -14.17
CA ASN A 277 14.28 5.52 -14.84
C ASN A 277 13.83 4.23 -15.50
N LEU A 278 12.78 3.61 -14.95
CA LEU A 278 12.27 2.34 -15.46
C LEU A 278 11.36 2.39 -16.68
N THR A 279 10.73 3.53 -16.92
CA THR A 279 9.77 3.61 -18.04
C THR A 279 10.19 4.41 -19.27
N GLU A 280 11.31 5.10 -19.17
CA GLU A 280 11.83 5.91 -20.27
C GLU A 280 11.93 5.05 -21.54
N GLN A 281 12.32 3.79 -21.38
CA GLN A 281 12.48 2.84 -22.48
C GLN A 281 11.19 2.55 -23.25
N ILE A 282 10.05 2.75 -22.61
CA ILE A 282 8.76 2.54 -23.27
C ILE A 282 7.99 3.86 -23.36
N ASN A 283 8.73 4.96 -23.38
CA ASN A 283 8.18 6.31 -23.47
C ASN A 283 9.19 7.08 -24.32
N VAL A 284 9.60 6.46 -25.43
CA VAL A 284 10.60 7.00 -26.32
C VAL A 284 10.39 8.39 -26.91
N SER A 285 9.14 8.82 -27.07
CA SER A 285 8.89 10.16 -27.61
C SER A 285 8.08 11.02 -26.64
N ASP A 286 8.16 10.68 -25.36
CA ASP A 286 7.45 11.41 -24.31
C ASP A 286 5.96 11.53 -24.57
N GLU A 287 5.35 10.47 -25.08
CA GLU A 287 3.92 10.46 -25.38
C GLU A 287 3.07 10.04 -24.20
N PHE A 288 3.73 9.56 -23.14
CA PHE A 288 3.01 9.08 -21.96
C PHE A 288 3.51 9.64 -20.63
N ASP A 289 2.67 9.44 -19.61
CA ASP A 289 3.00 9.75 -18.22
C ASP A 289 2.81 8.39 -17.55
N PHE A 290 3.69 8.02 -16.62
CA PHE A 290 3.54 6.78 -15.87
C PHE A 290 3.37 7.24 -14.43
N SER A 291 2.62 6.48 -13.63
CA SER A 291 2.38 6.87 -12.25
C SER A 291 2.15 5.70 -11.31
N ASP A 292 2.05 6.05 -10.04
CA ASP A 292 1.76 5.13 -8.94
C ASP A 292 2.50 3.80 -8.90
N PRO A 293 3.79 3.85 -8.55
CA PRO A 293 4.60 2.62 -8.47
C PRO A 293 4.12 1.82 -7.26
N ARG A 294 3.67 0.58 -7.52
CA ARG A 294 3.13 -0.31 -6.49
C ARG A 294 3.97 -1.58 -6.43
N PRO A 295 5.03 -1.58 -5.62
CA PRO A 295 5.90 -2.77 -5.50
C PRO A 295 5.42 -3.88 -4.57
N ILE A 296 5.75 -5.11 -4.95
CA ILE A 296 5.42 -6.28 -4.14
C ILE A 296 6.67 -7.13 -4.01
N TYR A 297 7.02 -7.54 -2.80
CA TYR A 297 8.18 -8.40 -2.61
C TYR A 297 7.68 -9.84 -2.49
N ASP A 298 8.28 -10.73 -3.29
CA ASP A 298 7.90 -12.14 -3.30
C ASP A 298 9.07 -12.97 -2.74
N PRO A 299 8.93 -13.51 -1.51
CA PRO A 299 10.00 -14.30 -0.90
C PRO A 299 10.28 -15.62 -1.60
N SER A 300 9.29 -16.17 -2.30
CA SER A 300 9.46 -17.45 -2.98
C SER A 300 10.49 -17.39 -4.11
N SER A 301 10.66 -16.22 -4.71
CA SER A 301 11.62 -16.06 -5.80
C SER A 301 12.66 -14.99 -5.47
N ASN A 302 12.46 -14.30 -4.35
CA ASN A 302 13.34 -13.22 -3.92
C ASN A 302 13.43 -12.16 -5.01
N THR A 303 12.27 -11.68 -5.41
CA THR A 303 12.18 -10.65 -6.44
C THR A 303 11.20 -9.58 -6.01
N VAL A 304 11.31 -8.43 -6.66
CA VAL A 304 10.38 -7.34 -6.41
C VAL A 304 9.66 -7.13 -7.74
N LEU A 305 8.33 -7.17 -7.70
CA LEU A 305 7.55 -6.93 -8.90
C LEU A 305 6.80 -5.64 -8.67
N VAL A 306 7.13 -4.62 -9.47
CA VAL A 306 6.47 -3.32 -9.31
C VAL A 306 5.52 -3.05 -10.47
N SER A 307 4.28 -2.71 -10.14
CA SER A 307 3.26 -2.42 -11.13
C SER A 307 3.04 -0.91 -11.15
N TYR A 308 2.69 -0.38 -12.31
CA TYR A 308 2.45 1.05 -12.43
C TYR A 308 1.52 1.33 -13.61
N ALA A 309 0.91 2.52 -13.59
CA ALA A 309 -0.02 2.91 -14.64
C ALA A 309 0.62 3.74 -15.75
N ARG A 310 0.06 3.59 -16.95
CA ARG A 310 0.49 4.37 -18.09
C ARG A 310 -0.70 5.26 -18.44
N TRP A 311 -0.41 6.48 -18.91
CA TRP A 311 -1.45 7.42 -19.31
C TRP A 311 -0.98 8.21 -20.50
N PRO A 312 -1.92 8.67 -21.36
CA PRO A 312 -1.42 9.47 -22.48
C PRO A 312 -0.92 10.71 -21.71
N THR A 313 0.12 11.37 -22.20
CA THR A 313 0.65 12.51 -21.45
C THR A 313 -0.31 13.68 -21.22
N ASP A 314 -1.38 13.73 -22.00
CA ASP A 314 -2.34 14.83 -21.89
C ASP A 314 -3.71 14.54 -21.28
N ALA A 315 -3.87 13.38 -20.64
CA ALA A 315 -5.16 13.05 -20.03
C ALA A 315 -4.98 11.90 -19.03
N ALA A 316 -5.53 12.06 -17.84
CA ALA A 316 -5.42 11.01 -16.84
C ALA A 316 -6.65 10.96 -15.93
N GLN A 317 -6.46 10.45 -14.72
CA GLN A 317 -7.54 10.29 -13.76
C GLN A 317 -8.22 11.58 -13.33
N ASN A 318 -7.43 12.63 -13.05
CA ASN A 318 -8.00 13.89 -12.61
C ASN A 318 -9.04 14.46 -13.56
N GLY A 319 -10.18 14.85 -13.01
CA GLY A 319 -11.25 15.41 -13.81
C GLY A 319 -11.90 14.43 -14.76
N ASP A 320 -11.61 13.14 -14.56
CA ASP A 320 -12.16 12.08 -15.41
C ASP A 320 -11.83 12.33 -16.88
N ARG A 321 -10.70 12.95 -17.16
CA ARG A 321 -10.37 13.26 -18.55
C ARG A 321 -10.00 12.04 -19.41
N ILE A 322 -9.47 11.01 -18.76
CA ILE A 322 -9.10 9.79 -19.47
C ILE A 322 -10.36 9.11 -20.00
N LYS A 323 -10.26 8.54 -21.20
CA LYS A 323 -11.39 7.86 -21.85
C LYS A 323 -10.94 6.45 -22.27
N PRO A 324 -11.89 5.51 -22.43
CA PRO A 324 -11.59 4.12 -22.81
C PRO A 324 -10.78 3.91 -24.09
N TRP A 325 -10.81 4.85 -25.02
CA TRP A 325 -10.07 4.70 -26.27
C TRP A 325 -8.64 5.22 -26.18
N MET A 326 -8.27 5.72 -25.00
CA MET A 326 -6.93 6.25 -24.77
C MET A 326 -6.00 5.19 -24.17
N PRO A 327 -4.69 5.36 -24.35
CA PRO A 327 -3.61 4.47 -23.88
C PRO A 327 -3.39 4.22 -22.40
N ASN A 328 -4.42 4.33 -21.56
CA ASN A 328 -4.19 4.01 -20.15
C ASN A 328 -4.06 2.50 -20.03
N GLY A 329 -3.21 2.07 -19.11
CA GLY A 329 -3.03 0.64 -18.90
C GLY A 329 -2.13 0.41 -17.72
N ILE A 330 -1.76 -0.85 -17.48
CA ILE A 330 -0.88 -1.18 -16.38
C ILE A 330 0.26 -2.09 -16.86
N PHE A 331 1.46 -1.78 -16.38
CA PHE A 331 2.67 -2.51 -16.72
C PHE A 331 3.39 -2.91 -15.44
N TYR A 332 4.33 -3.86 -15.55
CA TYR A 332 5.11 -4.23 -14.38
C TYR A 332 6.56 -4.49 -14.80
N SER A 333 7.45 -4.33 -13.84
CA SER A 333 8.88 -4.59 -14.06
C SER A 333 9.31 -5.49 -12.90
N VAL A 334 10.24 -6.41 -13.18
CA VAL A 334 10.73 -7.33 -12.15
C VAL A 334 12.20 -7.10 -11.78
N TYR A 335 12.49 -7.13 -10.48
CA TYR A 335 13.85 -6.95 -9.99
C TYR A 335 14.34 -8.24 -9.35
N ASP A 336 15.48 -8.73 -9.82
CA ASP A 336 16.11 -9.94 -9.27
C ASP A 336 17.04 -9.49 -8.17
N VAL A 337 16.64 -9.70 -6.92
CA VAL A 337 17.41 -9.27 -5.77
C VAL A 337 18.83 -9.86 -5.69
N ALA A 338 18.93 -11.17 -5.93
CA ALA A 338 20.22 -11.86 -5.86
C ALA A 338 21.29 -11.27 -6.78
N SER A 339 20.97 -11.12 -8.07
CA SER A 339 21.94 -10.57 -9.00
C SER A 339 21.84 -9.04 -9.17
N GLY A 340 20.79 -8.45 -8.59
CA GLY A 340 20.60 -7.02 -8.67
C GLY A 340 20.29 -6.48 -10.05
N ASN A 341 19.55 -7.25 -10.84
CA ASN A 341 19.19 -6.84 -12.20
C ASN A 341 17.71 -6.61 -12.40
N TRP A 342 17.37 -5.54 -13.12
CA TRP A 342 15.99 -5.24 -13.45
C TRP A 342 15.69 -5.88 -14.81
N GLN A 343 14.42 -6.15 -15.07
CA GLN A 343 13.98 -6.72 -16.33
C GLN A 343 13.06 -5.70 -16.99
N ALA A 344 12.93 -5.78 -18.32
CA ALA A 344 12.12 -4.83 -19.08
C ALA A 344 10.62 -4.87 -18.77
N PRO A 345 9.92 -3.73 -18.96
CA PRO A 345 8.48 -3.63 -18.70
C PRO A 345 7.60 -4.62 -19.46
N ILE A 346 6.56 -5.10 -18.80
CA ILE A 346 5.62 -6.02 -19.41
C ILE A 346 4.21 -5.44 -19.29
N ASP A 347 3.48 -5.44 -20.40
CA ASP A 347 2.11 -4.91 -20.45
C ASP A 347 1.07 -5.96 -20.04
N VAL A 348 0.21 -5.64 -19.08
CA VAL A 348 -0.84 -6.57 -18.64
C VAL A 348 -2.22 -5.91 -18.77
N THR A 349 -2.28 -4.82 -19.50
CA THR A 349 -3.52 -4.07 -19.69
C THR A 349 -4.72 -4.91 -20.10
N ASP A 350 -4.56 -5.76 -21.11
CA ASP A 350 -5.67 -6.57 -21.58
C ASP A 350 -6.26 -7.48 -20.51
N GLN A 351 -5.48 -7.79 -19.49
CA GLN A 351 -5.92 -8.67 -18.42
C GLN A 351 -6.66 -7.96 -17.27
N VAL A 352 -6.33 -6.69 -17.04
CA VAL A 352 -6.94 -5.97 -15.92
C VAL A 352 -7.82 -4.77 -16.25
N LYS A 353 -7.82 -4.33 -17.51
CA LYS A 353 -8.63 -3.19 -17.91
C LYS A 353 -9.84 -3.66 -18.70
N GLU A 354 -10.99 -3.69 -18.03
CA GLU A 354 -12.22 -4.15 -18.65
C GLU A 354 -12.75 -3.20 -19.72
N ARG A 355 -13.29 -3.77 -20.80
CA ARG A 355 -13.89 -3.03 -21.91
C ARG A 355 -15.30 -3.60 -22.06
N SER A 356 -16.32 -2.82 -21.71
CA SER A 356 -17.71 -3.31 -21.78
C SER A 356 -18.74 -2.20 -21.71
N PHE A 357 -20.01 -2.54 -21.97
CA PHE A 357 -21.08 -1.57 -21.83
C PHE A 357 -21.64 -1.91 -20.45
N GLN A 358 -21.78 -0.90 -19.60
CA GLN A 358 -22.22 -1.12 -18.23
C GLN A 358 -23.55 -0.46 -17.90
N ILE A 359 -24.43 -1.23 -17.24
CA ILE A 359 -25.72 -0.73 -16.83
C ILE A 359 -25.88 -0.88 -15.32
N ALA A 360 -26.01 0.24 -14.63
CA ALA A 360 -26.19 0.23 -13.19
C ALA A 360 -27.64 0.55 -12.86
N GLY A 361 -28.42 -0.49 -12.61
CA GLY A 361 -29.82 -0.31 -12.27
C GLY A 361 -29.91 -0.17 -10.75
N TRP A 362 -29.25 0.85 -10.22
CA TRP A 362 -29.26 1.11 -8.79
C TRP A 362 -30.23 2.24 -8.52
N GLY A 363 -31.45 1.89 -8.14
CA GLY A 363 -32.47 2.89 -7.88
C GLY A 363 -33.40 3.05 -9.07
N GLY A 364 -33.31 2.11 -10.01
CA GLY A 364 -34.16 2.17 -11.19
C GLY A 364 -33.92 0.99 -12.12
N SER A 365 -34.53 1.02 -13.30
CA SER A 365 -34.39 -0.05 -14.29
C SER A 365 -33.98 0.54 -15.63
N GLU A 366 -33.18 -0.21 -16.38
CA GLU A 366 -32.73 0.24 -17.71
C GLU A 366 -32.55 -0.98 -18.60
N LEU A 367 -33.43 -1.08 -19.60
CA LEU A 367 -33.43 -2.17 -20.56
C LEU A 367 -33.27 -1.66 -21.99
N TYR A 368 -32.72 -2.51 -22.84
CA TYR A 368 -32.54 -2.20 -24.25
C TYR A 368 -33.21 -3.31 -25.04
N ARG A 369 -34.12 -2.93 -25.92
CA ARG A 369 -34.87 -3.90 -26.71
C ARG A 369 -34.81 -3.63 -28.20
N ARG A 370 -34.59 -4.67 -28.97
CA ARG A 370 -34.53 -4.53 -30.41
C ARG A 370 -35.57 -5.49 -30.99
N ASN A 371 -36.60 -4.94 -31.62
CA ASN A 371 -37.63 -5.77 -32.21
C ASN A 371 -37.03 -6.55 -33.37
N THR A 372 -37.42 -7.81 -33.50
CA THR A 372 -36.90 -8.67 -34.55
C THR A 372 -38.01 -9.38 -35.33
N SER A 373 -37.60 -10.18 -36.29
CA SER A 373 -38.53 -10.94 -37.11
C SER A 373 -38.15 -12.41 -37.13
N LEU A 374 -37.88 -12.97 -35.96
CA LEU A 374 -37.51 -14.38 -35.86
C LEU A 374 -38.67 -15.26 -36.32
N ASN A 375 -38.33 -16.39 -36.92
CA ASN A 375 -39.33 -17.36 -37.38
C ASN A 375 -39.29 -18.53 -36.42
N SER A 376 -40.33 -18.69 -35.62
CA SER A 376 -40.38 -19.76 -34.64
C SER A 376 -40.44 -21.16 -35.26
N GLN A 377 -40.65 -21.22 -36.57
CA GLN A 377 -40.70 -22.51 -37.25
C GLN A 377 -39.31 -22.99 -37.62
N GLN A 378 -38.29 -22.22 -37.26
CA GLN A 378 -36.92 -22.61 -37.55
C GLN A 378 -35.96 -22.28 -36.40
N ASP A 379 -34.85 -23.00 -36.35
CA ASP A 379 -33.85 -22.81 -35.29
C ASP A 379 -33.26 -21.41 -35.27
N TRP A 380 -32.85 -20.97 -34.09
CA TRP A 380 -32.19 -19.68 -33.92
C TRP A 380 -31.26 -19.79 -32.72
N GLN A 381 -30.29 -18.89 -32.65
CA GLN A 381 -29.33 -18.91 -31.55
C GLN A 381 -28.97 -17.50 -31.12
N SER A 382 -28.74 -17.33 -29.83
CA SER A 382 -28.36 -16.03 -29.30
C SER A 382 -27.17 -16.22 -28.37
N ASN A 383 -26.28 -15.24 -28.35
CA ASN A 383 -25.10 -15.29 -27.49
C ASN A 383 -25.00 -13.96 -26.77
N ALA A 384 -24.70 -14.02 -25.48
CA ALA A 384 -24.56 -12.81 -24.67
C ALA A 384 -23.43 -13.01 -23.67
N LYS A 385 -22.37 -12.21 -23.80
CA LYS A 385 -21.24 -12.30 -22.87
C LYS A 385 -21.56 -11.28 -21.79
N ILE A 386 -21.87 -11.79 -20.60
CA ILE A 386 -22.28 -10.94 -19.49
C ILE A 386 -21.55 -11.21 -18.18
N ARG A 387 -21.39 -10.15 -17.40
CA ARG A 387 -20.75 -10.23 -16.10
C ARG A 387 -21.73 -9.57 -15.13
N ILE A 388 -21.98 -10.21 -13.99
CA ILE A 388 -22.88 -9.66 -13.00
C ILE A 388 -22.03 -9.02 -11.89
N VAL A 389 -22.12 -7.70 -11.76
CA VAL A 389 -21.35 -6.99 -10.75
C VAL A 389 -21.99 -7.17 -9.38
N ASP A 390 -23.31 -7.05 -9.33
CA ASP A 390 -24.03 -7.24 -8.07
C ASP A 390 -25.53 -7.22 -8.26
N GLY A 391 -26.25 -7.55 -7.20
CA GLY A 391 -27.70 -7.51 -7.23
C GLY A 391 -28.44 -8.57 -8.01
N ALA A 392 -29.62 -8.21 -8.48
CA ALA A 392 -30.48 -9.13 -9.20
C ALA A 392 -31.28 -8.42 -10.29
N ALA A 393 -32.29 -9.09 -10.83
CA ALA A 393 -33.13 -8.54 -11.88
C ALA A 393 -32.35 -8.22 -13.14
N ASN A 394 -31.20 -8.88 -13.30
CA ASN A 394 -30.36 -8.68 -14.47
C ASN A 394 -30.75 -9.73 -15.50
N GLN A 395 -31.16 -9.33 -16.69
CA GLN A 395 -31.55 -10.36 -17.63
C GLN A 395 -31.24 -10.21 -19.10
N ILE A 396 -31.40 -11.32 -19.79
CA ILE A 396 -31.20 -11.44 -21.23
C ILE A 396 -32.42 -12.22 -21.68
N GLN A 397 -33.09 -11.74 -22.73
CA GLN A 397 -34.29 -12.42 -23.21
C GLN A 397 -34.38 -12.43 -24.72
N VAL A 398 -35.07 -13.44 -25.25
CA VAL A 398 -35.32 -13.56 -26.68
C VAL A 398 -36.74 -14.05 -26.83
N ALA A 399 -37.52 -13.38 -27.66
CA ALA A 399 -38.91 -13.75 -27.92
C ALA A 399 -38.97 -13.95 -29.43
N ASP A 400 -39.56 -15.05 -29.88
CA ASP A 400 -39.61 -15.33 -31.31
C ASP A 400 -40.99 -15.26 -31.97
N GLY A 401 -41.94 -14.58 -31.33
CA GLY A 401 -43.27 -14.47 -31.89
C GLY A 401 -44.18 -15.59 -31.45
N SER A 402 -43.61 -16.59 -30.77
CA SER A 402 -44.40 -17.72 -30.29
C SER A 402 -44.14 -17.95 -28.81
N ARG A 403 -42.88 -17.79 -28.40
CA ARG A 403 -42.50 -18.01 -27.01
C ARG A 403 -41.44 -17.00 -26.60
N LYS A 404 -41.37 -16.72 -25.30
CA LYS A 404 -40.39 -15.80 -24.75
C LYS A 404 -39.50 -16.61 -23.82
N TYR A 405 -38.19 -16.41 -23.93
CA TYR A 405 -37.23 -17.12 -23.09
C TYR A 405 -36.44 -16.06 -22.33
N VAL A 406 -36.52 -16.09 -21.02
CA VAL A 406 -35.83 -15.10 -20.19
C VAL A 406 -34.92 -15.74 -19.15
N VAL A 407 -33.67 -15.29 -19.12
CA VAL A 407 -32.72 -15.78 -18.14
C VAL A 407 -32.44 -14.60 -17.21
N THR A 408 -32.71 -14.78 -15.92
CA THR A 408 -32.46 -13.72 -14.94
C THR A 408 -31.27 -14.15 -14.08
N LEU A 409 -30.25 -13.31 -14.03
CA LEU A 409 -29.03 -13.61 -13.26
C LEU A 409 -28.95 -12.76 -12.00
N SER A 410 -28.55 -13.40 -10.90
CA SER A 410 -28.44 -12.70 -9.62
C SER A 410 -27.34 -13.26 -8.73
N ILE A 411 -27.04 -12.51 -7.67
CA ILE A 411 -26.05 -12.93 -6.69
C ILE A 411 -26.89 -13.36 -5.49
N ASP A 412 -26.73 -14.62 -5.04
CA ASP A 412 -27.50 -15.10 -3.90
C ASP A 412 -26.91 -14.67 -2.56
N GLU A 413 -27.52 -15.11 -1.47
CA GLU A 413 -27.05 -14.77 -0.13
C GLU A 413 -25.64 -15.29 0.18
N SER A 414 -25.30 -16.42 -0.43
CA SER A 414 -23.98 -17.03 -0.23
C SER A 414 -22.92 -16.36 -1.08
N GLY A 415 -23.35 -15.47 -1.96
CA GLY A 415 -22.42 -14.78 -2.84
C GLY A 415 -22.21 -15.55 -4.12
N GLY A 416 -23.07 -16.53 -4.37
CA GLY A 416 -22.95 -17.33 -5.59
C GLY A 416 -23.71 -16.71 -6.75
N LEU A 417 -23.45 -17.22 -7.95
CA LEU A 417 -24.12 -16.74 -9.17
C LEU A 417 -25.27 -17.68 -9.47
N VAL A 418 -26.47 -17.13 -9.55
CA VAL A 418 -27.67 -17.93 -9.78
C VAL A 418 -28.45 -17.52 -11.02
N ALA A 419 -28.99 -18.53 -11.73
CA ALA A 419 -29.81 -18.28 -12.90
C ALA A 419 -31.21 -18.80 -12.65
N ASN A 420 -32.20 -18.01 -13.05
CA ASN A 420 -33.59 -18.38 -12.92
C ASN A 420 -34.20 -18.24 -14.31
N LEU A 421 -34.85 -19.29 -14.77
CA LEU A 421 -35.46 -19.29 -16.10
C LEU A 421 -36.97 -19.14 -15.96
N ASN A 422 -37.58 -18.35 -16.85
CA ASN A 422 -39.01 -18.13 -16.77
C ASN A 422 -39.82 -19.42 -16.98
N GLY A 423 -40.67 -19.73 -16.00
CA GLY A 423 -41.48 -20.93 -16.07
C GLY A 423 -40.85 -22.13 -15.39
N VAL A 424 -39.66 -21.96 -14.82
CA VAL A 424 -38.96 -23.04 -14.13
C VAL A 424 -38.76 -22.64 -12.67
N SER A 425 -39.36 -23.40 -11.76
CA SER A 425 -39.26 -23.11 -10.33
C SER A 425 -37.87 -23.14 -9.71
N ALA A 426 -37.17 -24.27 -9.82
CA ALA A 426 -35.84 -24.42 -9.23
C ALA A 426 -34.76 -23.54 -9.86
N PRO A 427 -34.07 -22.74 -9.03
CA PRO A 427 -33.00 -21.87 -9.54
C PRO A 427 -31.79 -22.73 -9.88
N ILE A 428 -30.90 -22.23 -10.72
CA ILE A 428 -29.71 -22.96 -11.10
C ILE A 428 -28.46 -22.24 -10.60
N ILE A 429 -27.66 -22.92 -9.78
CA ILE A 429 -26.43 -22.31 -9.29
C ILE A 429 -25.35 -22.52 -10.34
N LEU A 430 -24.92 -21.43 -10.97
CA LEU A 430 -23.91 -21.48 -12.00
C LEU A 430 -22.49 -21.51 -11.46
N GLN A 431 -22.25 -20.72 -10.41
CA GLN A 431 -20.92 -20.64 -9.80
C GLN A 431 -21.02 -20.37 -8.30
N SER A 432 -20.05 -20.91 -7.55
CA SER A 432 -20.02 -20.70 -6.10
C SER A 432 -18.73 -19.97 -5.70
N GLU A 433 -17.67 -20.17 -6.48
CA GLU A 433 -16.39 -19.51 -6.21
C GLU A 433 -16.52 -18.03 -6.56
N HIS A 434 -16.33 -17.17 -5.57
CA HIS A 434 -16.48 -15.73 -5.78
C HIS A 434 -15.81 -15.13 -7.01
N ALA A 435 -14.61 -15.58 -7.35
CA ALA A 435 -13.93 -15.06 -8.53
C ALA A 435 -14.71 -15.36 -9.81
N LYS A 436 -15.21 -16.59 -9.91
CA LYS A 436 -15.99 -17.00 -11.09
C LYS A 436 -17.37 -16.35 -11.07
N VAL A 437 -17.91 -16.13 -9.89
CA VAL A 437 -19.23 -15.52 -9.75
C VAL A 437 -19.35 -14.17 -10.45
N HIS A 438 -18.29 -13.36 -10.37
CA HIS A 438 -18.32 -12.03 -10.98
C HIS A 438 -17.51 -11.86 -12.25
N SER A 439 -17.18 -12.95 -12.92
CA SER A 439 -16.43 -12.86 -14.16
C SER A 439 -17.39 -12.94 -15.34
N PHE A 440 -16.88 -12.65 -16.53
CA PHE A 440 -17.70 -12.72 -17.73
C PHE A 440 -17.94 -14.18 -18.11
N HIS A 441 -19.14 -14.46 -18.59
CA HIS A 441 -19.51 -15.79 -19.06
C HIS A 441 -20.32 -15.63 -20.32
N ASP A 442 -20.18 -16.59 -21.23
CA ASP A 442 -20.92 -16.56 -22.49
C ASP A 442 -22.20 -17.36 -22.37
N TYR A 443 -23.34 -16.66 -22.41
CA TYR A 443 -24.63 -17.30 -22.32
C TYR A 443 -25.19 -17.52 -23.71
N GLU A 444 -25.30 -18.77 -24.11
CA GLU A 444 -25.80 -19.10 -25.43
C GLU A 444 -27.12 -19.84 -25.35
N LEU A 445 -28.10 -19.34 -26.11
CA LEU A 445 -29.41 -19.97 -26.16
C LEU A 445 -29.57 -20.57 -27.55
N GLN A 446 -29.85 -21.87 -27.60
CA GLN A 446 -30.04 -22.55 -28.87
C GLN A 446 -31.45 -23.09 -28.94
N TYR A 447 -32.26 -22.47 -29.80
CA TYR A 447 -33.65 -22.89 -29.97
C TYR A 447 -33.78 -23.93 -31.07
N SER A 448 -34.48 -25.02 -30.76
CA SER A 448 -34.71 -26.10 -31.71
C SER A 448 -36.17 -26.07 -32.14
N ALA A 449 -36.43 -25.80 -33.42
CA ALA A 449 -37.80 -25.74 -33.92
C ALA A 449 -38.49 -27.11 -33.88
N LEU A 450 -37.73 -28.16 -34.16
CA LEU A 450 -38.30 -29.51 -34.15
C LEU A 450 -38.65 -30.00 -32.76
N ASN A 451 -37.83 -29.65 -31.78
CA ASN A 451 -38.07 -30.06 -30.40
C ASN A 451 -38.89 -29.04 -29.62
N HIS A 452 -39.12 -27.88 -30.22
CA HIS A 452 -39.90 -26.82 -29.57
C HIS A 452 -39.33 -26.49 -28.19
N THR A 453 -38.01 -26.36 -28.11
CA THR A 453 -37.38 -26.06 -26.83
C THR A 453 -36.07 -25.28 -27.03
N THR A 454 -35.63 -24.60 -25.97
CA THR A 454 -34.39 -23.84 -26.03
C THR A 454 -33.41 -24.37 -24.99
N THR A 455 -32.16 -24.55 -25.40
CA THR A 455 -31.14 -25.05 -24.51
C THR A 455 -30.17 -23.94 -24.14
N LEU A 456 -29.83 -23.85 -22.86
CA LEU A 456 -28.91 -22.83 -22.39
C LEU A 456 -27.52 -23.42 -22.23
N PHE A 457 -26.54 -22.76 -22.83
CA PHE A 457 -25.15 -23.18 -22.71
C PHE A 457 -24.42 -22.02 -22.03
N VAL A 458 -23.49 -22.34 -21.15
CA VAL A 458 -22.71 -21.31 -20.48
C VAL A 458 -21.24 -21.71 -20.67
N ASP A 459 -20.51 -20.88 -21.41
CA ASP A 459 -19.11 -21.15 -21.72
C ASP A 459 -18.92 -22.47 -22.44
N GLY A 460 -19.89 -22.80 -23.30
CA GLY A 460 -19.81 -24.03 -24.06
C GLY A 460 -20.35 -25.27 -23.36
N GLN A 461 -20.75 -25.13 -22.12
CA GLN A 461 -21.29 -26.25 -21.35
C GLN A 461 -22.81 -26.24 -21.32
N GLN A 462 -23.40 -27.38 -21.65
CA GLN A 462 -24.86 -27.52 -21.67
C GLN A 462 -25.38 -27.48 -20.23
N ILE A 463 -26.31 -26.57 -19.95
CA ILE A 463 -26.83 -26.42 -18.60
C ILE A 463 -28.24 -26.96 -18.39
N THR A 464 -29.18 -26.50 -19.21
CA THR A 464 -30.56 -26.90 -19.08
C THR A 464 -31.34 -26.60 -20.35
N THR A 465 -32.54 -27.16 -20.45
CA THR A 465 -33.42 -26.97 -21.60
C THR A 465 -34.78 -26.58 -21.05
N TRP A 466 -35.45 -25.62 -21.66
CA TRP A 466 -36.78 -25.26 -21.18
C TRP A 466 -37.67 -24.71 -22.29
N ALA A 467 -38.97 -24.64 -22.00
CA ALA A 467 -39.95 -24.20 -22.99
C ALA A 467 -40.32 -22.73 -23.03
N GLY A 468 -39.85 -21.94 -22.07
CA GLY A 468 -40.20 -20.53 -22.04
C GLY A 468 -41.68 -20.34 -21.74
N GLU A 469 -42.25 -19.22 -22.18
CA GLU A 469 -43.66 -18.93 -21.95
C GLU A 469 -44.31 -18.39 -23.20
N VAL A 470 -45.60 -18.64 -23.37
CA VAL A 470 -46.32 -18.16 -24.54
C VAL A 470 -46.18 -16.64 -24.64
N SER A 471 -45.94 -16.15 -25.84
CA SER A 471 -45.77 -14.72 -26.07
C SER A 471 -45.85 -14.40 -27.56
N GLN A 472 -46.40 -13.24 -27.89
CA GLN A 472 -46.50 -12.81 -29.28
C GLN A 472 -45.42 -11.80 -29.59
N GLU A 473 -44.56 -11.54 -28.61
CA GLU A 473 -43.46 -10.60 -28.78
C GLU A 473 -42.35 -11.24 -29.63
N ASN A 474 -41.63 -10.41 -30.36
CA ASN A 474 -40.54 -10.87 -31.21
C ASN A 474 -39.41 -9.86 -31.02
N ASN A 475 -38.43 -10.20 -30.20
CA ASN A 475 -37.32 -9.29 -29.91
C ASN A 475 -36.22 -9.93 -29.08
N ILE A 476 -35.16 -9.15 -28.86
CA ILE A 476 -34.06 -9.58 -27.99
C ILE A 476 -33.93 -8.38 -27.06
N GLN A 477 -33.73 -8.65 -25.78
CA GLN A 477 -33.66 -7.57 -24.79
C GLN A 477 -32.69 -7.92 -23.67
N PHE A 478 -32.06 -6.90 -23.11
CA PHE A 478 -31.12 -7.11 -22.00
C PHE A 478 -31.06 -5.87 -21.11
N GLY A 479 -30.59 -6.06 -19.88
CA GLY A 479 -30.48 -4.94 -18.95
C GLY A 479 -30.95 -5.28 -17.54
N ASN A 480 -31.18 -4.25 -16.72
CA ASN A 480 -31.68 -4.48 -15.37
C ASN A 480 -33.16 -4.14 -15.47
N ALA A 481 -34.02 -5.09 -15.11
CA ALA A 481 -35.46 -4.94 -15.28
C ALA A 481 -36.39 -4.51 -14.16
N ASP A 482 -35.88 -4.20 -12.97
CA ASP A 482 -36.76 -3.82 -11.88
C ASP A 482 -36.23 -2.61 -11.12
N ALA A 483 -37.03 -1.54 -11.05
CA ALA A 483 -36.62 -0.33 -10.35
C ALA A 483 -36.57 -0.59 -8.85
N GLN A 484 -37.22 -1.66 -8.40
CA GLN A 484 -37.24 -2.00 -6.98
C GLN A 484 -36.19 -3.03 -6.59
N ILE A 485 -35.43 -3.53 -7.56
CA ILE A 485 -34.37 -4.50 -7.29
C ILE A 485 -33.05 -3.99 -7.88
N ASP A 486 -32.12 -3.63 -7.01
CA ASP A 486 -30.83 -3.14 -7.46
C ASP A 486 -30.01 -4.21 -8.14
N GLY A 487 -29.28 -3.81 -9.18
CA GLY A 487 -28.44 -4.74 -9.90
C GLY A 487 -27.59 -4.01 -10.92
N ARG A 488 -26.39 -4.54 -11.18
CA ARG A 488 -25.49 -3.96 -12.16
C ARG A 488 -24.92 -5.08 -12.99
N LEU A 489 -25.01 -4.95 -14.31
CA LEU A 489 -24.45 -5.96 -15.21
C LEU A 489 -23.66 -5.29 -16.30
N HIS A 490 -22.61 -5.96 -16.74
CA HIS A 490 -21.73 -5.47 -17.80
C HIS A 490 -21.82 -6.44 -18.99
N VAL A 491 -21.84 -5.90 -20.20
CA VAL A 491 -21.97 -6.71 -21.40
C VAL A 491 -20.84 -6.44 -22.40
N GLN A 492 -20.32 -7.51 -23.00
CA GLN A 492 -19.27 -7.35 -24.01
C GLN A 492 -19.76 -7.67 -25.42
N LYS A 493 -20.77 -8.52 -25.53
CA LYS A 493 -21.29 -8.86 -26.85
C LYS A 493 -22.67 -9.49 -26.79
N ILE A 494 -23.50 -9.14 -27.75
CA ILE A 494 -24.85 -9.67 -27.87
C ILE A 494 -25.08 -9.94 -29.34
N VAL A 495 -25.46 -11.18 -29.66
CA VAL A 495 -25.70 -11.56 -31.04
C VAL A 495 -26.94 -12.45 -31.14
N LEU A 496 -27.66 -12.33 -32.25
CA LEU A 496 -28.84 -13.15 -32.51
C LEU A 496 -28.73 -13.58 -33.96
N THR A 497 -28.85 -14.88 -34.20
CA THR A 497 -28.74 -15.40 -35.56
C THR A 497 -29.80 -16.45 -35.90
N GLN A 498 -30.14 -16.53 -37.18
CA GLN A 498 -31.10 -17.52 -37.64
C GLN A 498 -30.80 -17.84 -39.10
N GLN A 499 -30.69 -19.13 -39.38
CA GLN A 499 -30.39 -19.62 -40.73
C GLN A 499 -29.14 -18.98 -41.31
N GLY A 500 -28.08 -18.97 -40.50
CA GLY A 500 -26.80 -18.43 -40.93
C GLY A 500 -26.74 -16.94 -41.16
N HIS A 501 -27.65 -16.18 -40.54
CA HIS A 501 -27.64 -14.74 -40.71
C HIS A 501 -27.78 -14.01 -39.38
N ASN A 502 -26.90 -13.04 -39.14
CA ASN A 502 -26.94 -12.28 -37.89
C ASN A 502 -28.03 -11.21 -37.99
N LEU A 503 -29.07 -11.38 -37.19
CA LEU A 503 -30.18 -10.44 -37.16
C LEU A 503 -29.79 -9.21 -36.34
N VAL A 504 -29.05 -9.43 -35.26
CA VAL A 504 -28.61 -8.35 -34.41
C VAL A 504 -27.19 -8.63 -33.92
N GLU A 505 -26.39 -7.58 -33.84
CA GLU A 505 -25.02 -7.75 -33.37
C GLU A 505 -24.55 -6.48 -32.68
N PHE A 506 -24.20 -6.61 -31.41
CA PHE A 506 -23.72 -5.51 -30.60
C PHE A 506 -22.42 -5.95 -29.93
N ASP A 507 -21.30 -5.44 -30.44
CA ASP A 507 -19.99 -5.78 -29.90
C ASP A 507 -19.52 -4.63 -29.01
N ALA A 508 -19.94 -4.65 -27.75
CA ALA A 508 -19.57 -3.59 -26.81
C ALA A 508 -18.08 -3.58 -26.51
N PHE A 509 -17.46 -4.76 -26.53
CA PHE A 509 -16.03 -4.87 -26.27
C PHE A 509 -15.29 -4.01 -27.30
N TYR A 510 -15.71 -4.12 -28.55
CA TYR A 510 -15.11 -3.36 -29.63
C TYR A 510 -15.46 -1.86 -29.56
N LEU A 511 -16.74 -1.57 -29.41
CA LEU A 511 -17.20 -0.18 -29.36
C LEU A 511 -16.58 0.65 -28.24
N ALA A 512 -16.42 0.05 -27.07
CA ALA A 512 -15.85 0.76 -25.92
C ALA A 512 -14.48 1.35 -26.21
N GLN A 513 -13.71 0.69 -27.06
CA GLN A 513 -12.35 1.14 -27.37
C GLN A 513 -12.23 2.07 -28.58
N GLN A 514 -13.36 2.38 -29.22
CA GLN A 514 -13.32 3.25 -30.39
C GLN A 514 -13.41 4.74 -30.04
N THR A 515 -12.91 5.58 -30.94
CA THR A 515 -12.95 7.02 -30.74
C THR A 515 -14.38 7.54 -30.93
N PRO A 516 -14.65 8.79 -30.52
CA PRO A 516 -15.97 9.42 -30.63
C PRO A 516 -16.60 9.45 -32.03
N GLU A 517 -15.79 9.32 -33.06
CA GLU A 517 -16.30 9.33 -34.43
C GLU A 517 -17.22 8.15 -34.70
N VAL A 518 -16.92 7.02 -34.07
CA VAL A 518 -17.71 5.80 -34.24
C VAL A 518 -19.00 5.87 -33.43
N GLU A 519 -20.12 5.51 -34.06
CA GLU A 519 -21.41 5.53 -33.39
C GLU A 519 -21.47 4.44 -32.32
N LYS A 520 -21.79 4.83 -31.09
CA LYS A 520 -21.86 3.90 -29.97
C LYS A 520 -23.20 3.94 -29.24
N ASP A 521 -24.02 4.94 -29.55
CA ASP A 521 -25.31 5.09 -28.89
C ASP A 521 -26.26 3.97 -29.32
N LEU A 522 -26.65 3.13 -28.36
CA LEU A 522 -27.54 2.02 -28.66
C LEU A 522 -28.85 2.47 -29.29
N GLU A 523 -29.37 3.61 -28.86
CA GLU A 523 -30.62 4.11 -29.42
C GLU A 523 -30.47 4.57 -30.86
N LYS A 524 -29.23 4.72 -31.31
CA LYS A 524 -28.98 5.12 -32.69
C LYS A 524 -28.53 3.91 -33.49
N LEU A 525 -28.46 2.76 -32.81
CA LEU A 525 -28.03 1.51 -33.45
C LEU A 525 -29.17 0.50 -33.57
N GLY A 526 -30.40 0.99 -33.50
CA GLY A 526 -31.56 0.12 -33.65
C GLY A 526 -32.23 -0.37 -32.38
N TRP A 527 -31.75 0.06 -31.22
CA TRP A 527 -32.34 -0.38 -29.95
C TRP A 527 -33.24 0.67 -29.32
N THR A 528 -34.20 0.20 -28.53
CA THR A 528 -35.11 1.09 -27.82
C THR A 528 -34.75 1.02 -26.34
N LYS A 529 -34.58 2.18 -25.73
CA LYS A 529 -34.23 2.26 -24.31
C LYS A 529 -35.49 2.38 -23.47
N ILE A 530 -35.64 1.49 -22.51
CA ILE A 530 -36.80 1.50 -21.60
C ILE A 530 -36.23 1.69 -20.19
N LYS A 531 -36.42 2.88 -19.66
CA LYS A 531 -35.88 3.22 -18.35
C LYS A 531 -36.89 3.83 -17.38
N THR A 532 -36.75 3.47 -16.10
CA THR A 532 -37.61 3.99 -15.03
C THR A 532 -36.71 4.29 -13.84
N GLY A 533 -37.13 5.22 -12.98
CA GLY A 533 -36.33 5.56 -11.82
C GLY A 533 -35.00 6.19 -12.18
N ASN A 534 -34.00 5.97 -11.34
CA ASN A 534 -32.66 6.52 -11.56
C ASN A 534 -31.66 5.41 -11.89
N THR A 535 -30.98 5.57 -13.02
CA THR A 535 -29.97 4.60 -13.44
C THR A 535 -28.87 5.33 -14.19
N MET A 536 -27.81 4.60 -14.49
CA MET A 536 -26.72 5.15 -15.25
C MET A 536 -26.10 4.04 -16.06
N SER A 537 -25.66 4.37 -17.26
CA SER A 537 -25.03 3.40 -18.15
C SER A 537 -23.87 4.09 -18.83
N LEU A 538 -22.88 3.30 -19.25
CA LEU A 538 -21.67 3.84 -19.87
C LEU A 538 -20.82 2.75 -20.50
N TYR A 539 -19.88 3.15 -21.33
CA TYR A 539 -18.96 2.20 -21.97
C TYR A 539 -17.66 2.02 -21.20
N GLY A 540 -17.19 0.77 -21.19
CA GLY A 540 -15.96 0.29 -20.57
C GLY A 540 -15.37 1.09 -19.43
N ASN A 541 -14.34 0.58 -18.76
CA ASN A 541 -13.77 1.40 -17.70
C ASN A 541 -12.84 2.43 -18.33
N ALA A 542 -12.94 3.66 -17.85
CA ALA A 542 -12.10 4.73 -18.36
C ALA A 542 -10.63 4.49 -18.01
N SER A 543 -10.36 3.91 -16.85
CA SER A 543 -8.96 3.67 -16.46
C SER A 543 -8.79 2.78 -15.24
N VAL A 544 -7.58 2.24 -15.12
CA VAL A 544 -7.18 1.43 -13.97
C VAL A 544 -5.82 1.98 -13.54
N ASN A 545 -5.56 1.96 -12.25
CA ASN A 545 -4.34 2.55 -11.69
C ASN A 545 -3.95 1.79 -10.41
N PRO A 546 -2.69 1.30 -10.31
CA PRO A 546 -2.31 0.57 -9.09
C PRO A 546 -2.45 1.31 -7.76
N GLY A 547 -2.39 2.65 -7.79
CA GLY A 547 -2.49 3.39 -6.54
C GLY A 547 -1.14 3.51 -5.86
N PRO A 548 -1.00 4.43 -4.88
CA PRO A 548 0.24 4.68 -4.13
C PRO A 548 0.51 3.83 -2.90
N GLY A 549 1.68 3.18 -2.89
CA GLY A 549 2.06 2.34 -1.77
C GLY A 549 2.60 1.01 -2.26
N HIS A 550 2.64 0.02 -1.37
CA HIS A 550 3.12 -1.29 -1.77
C HIS A 550 2.00 -2.31 -1.75
N GLY A 551 2.25 -3.45 -2.38
CA GLY A 551 1.31 -4.54 -2.43
C GLY A 551 1.85 -5.62 -1.52
N ILE A 552 1.20 -6.78 -1.49
CA ILE A 552 1.66 -7.85 -0.62
C ILE A 552 1.56 -9.24 -1.24
N THR A 553 2.28 -10.18 -0.65
CA THR A 553 2.25 -11.57 -1.08
C THR A 553 1.60 -12.31 0.10
N LEU A 554 0.49 -12.98 -0.15
CA LEU A 554 -0.23 -13.69 0.92
C LEU A 554 0.45 -14.96 1.39
N THR A 555 0.40 -15.21 2.70
CA THR A 555 1.05 -16.40 3.27
C THR A 555 0.25 -17.10 4.37
N ARG A 556 -0.96 -16.62 4.67
CA ARG A 556 -1.79 -17.24 5.70
C ARG A 556 -3.18 -17.54 5.16
N GLN A 557 -3.22 -18.05 3.93
CA GLN A 557 -4.47 -18.35 3.24
C GLN A 557 -4.90 -19.82 3.27
N GLN A 558 -4.19 -20.64 4.03
CA GLN A 558 -4.53 -22.07 4.09
C GLN A 558 -6.00 -22.36 4.39
N ASN A 559 -6.63 -21.52 5.19
CA ASN A 559 -8.04 -21.72 5.55
C ASN A 559 -9.00 -20.74 4.86
N ILE A 560 -8.59 -20.22 3.71
CA ILE A 560 -9.44 -19.28 2.97
C ILE A 560 -9.86 -19.92 1.65
N SER A 561 -11.12 -20.31 1.56
CA SER A 561 -11.63 -20.95 0.35
C SER A 561 -11.53 -20.05 -0.89
N GLY A 562 -10.97 -20.60 -1.97
CA GLY A 562 -10.85 -19.83 -3.19
C GLY A 562 -9.55 -19.03 -3.30
N SER A 563 -8.83 -18.91 -2.20
CA SER A 563 -7.58 -18.17 -2.20
C SER A 563 -6.41 -19.16 -2.14
N GLN A 564 -5.20 -18.63 -2.07
CA GLN A 564 -4.01 -19.48 -2.02
C GLN A 564 -2.81 -18.70 -1.50
N ASN A 565 -1.88 -19.41 -0.88
CA ASN A 565 -0.68 -18.75 -0.40
C ASN A 565 0.17 -18.45 -1.62
N GLY A 566 0.85 -17.31 -1.62
CA GLY A 566 1.67 -16.96 -2.76
C GLY A 566 1.01 -15.95 -3.67
N ARG A 567 -0.29 -15.72 -3.45
CA ARG A 567 -1.03 -14.74 -4.25
C ARG A 567 -0.41 -13.35 -4.12
N LEU A 568 -0.19 -12.69 -5.24
CA LEU A 568 0.35 -11.33 -5.27
C LEU A 568 -0.88 -10.44 -5.40
N ILE A 569 -0.99 -9.40 -4.59
CA ILE A 569 -2.18 -8.56 -4.65
C ILE A 569 -1.97 -7.11 -4.22
N TYR A 570 -2.69 -6.20 -4.86
CA TYR A 570 -2.65 -4.78 -4.50
C TYR A 570 -4.04 -4.18 -4.74
N PRO A 571 -4.38 -3.10 -4.01
CA PRO A 571 -5.68 -2.42 -4.15
C PRO A 571 -5.61 -1.29 -5.18
N ALA A 572 -6.10 -1.58 -6.37
CA ALA A 572 -6.09 -0.63 -7.48
C ALA A 572 -7.27 0.33 -7.50
N ILE A 573 -7.11 1.41 -8.24
CA ILE A 573 -8.16 2.43 -8.39
C ILE A 573 -8.76 2.26 -9.78
N VAL A 574 -10.08 2.13 -9.87
CA VAL A 574 -10.73 1.98 -11.15
C VAL A 574 -11.75 3.10 -11.34
N LEU A 575 -11.73 3.71 -12.52
CA LEU A 575 -12.67 4.77 -12.86
C LEU A 575 -13.59 4.22 -13.95
N ASP A 576 -14.88 4.07 -13.67
CA ASP A 576 -15.77 3.54 -14.71
C ASP A 576 -15.96 4.61 -15.76
N ARG A 577 -16.42 5.78 -15.33
CA ARG A 577 -16.56 6.93 -16.21
C ARG A 577 -16.40 8.20 -15.37
N PHE A 578 -17.23 8.34 -14.34
CA PHE A 578 -17.19 9.52 -13.48
C PHE A 578 -16.78 9.26 -12.03
N PHE A 579 -16.95 8.03 -11.56
CA PHE A 579 -16.67 7.72 -10.17
C PHE A 579 -15.54 6.75 -9.93
N LEU A 580 -14.75 7.06 -8.91
CA LEU A 580 -13.62 6.21 -8.54
C LEU A 580 -14.02 5.20 -7.47
N ASN A 581 -13.38 4.04 -7.52
CA ASN A 581 -13.57 3.03 -6.50
C ASN A 581 -12.32 2.18 -6.50
N VAL A 582 -12.23 1.27 -5.54
CA VAL A 582 -11.07 0.41 -5.41
C VAL A 582 -11.43 -1.05 -5.65
N MET A 583 -10.51 -1.78 -6.27
CA MET A 583 -10.69 -3.20 -6.53
C MET A 583 -9.33 -3.88 -6.44
N SER A 584 -9.31 -5.15 -6.05
CA SER A 584 -8.04 -5.88 -5.98
C SER A 584 -7.60 -6.31 -7.37
N ILE A 585 -6.28 -6.27 -7.60
CA ILE A 585 -5.71 -6.78 -8.84
C ILE A 585 -4.74 -7.80 -8.24
N TYR A 586 -4.84 -9.04 -8.71
CA TYR A 586 -4.01 -10.10 -8.13
C TYR A 586 -3.56 -11.13 -9.14
N SER A 587 -2.59 -11.93 -8.73
CA SER A 587 -2.05 -12.99 -9.58
C SER A 587 -1.80 -14.24 -8.75
N ASP A 588 -2.29 -15.38 -9.24
CA ASP A 588 -2.09 -16.65 -8.55
C ASP A 588 -1.00 -17.49 -9.23
N ASP A 589 -0.27 -16.90 -10.16
CA ASP A 589 0.80 -17.64 -10.83
C ASP A 589 2.13 -16.90 -10.83
N GLY A 590 2.38 -16.14 -9.76
CA GLY A 590 3.64 -15.44 -9.63
C GLY A 590 3.80 -14.10 -10.35
N GLY A 591 2.72 -13.60 -10.95
CA GLY A 591 2.81 -12.32 -11.63
C GLY A 591 2.78 -12.36 -13.14
N SER A 592 2.52 -13.52 -13.73
CA SER A 592 2.46 -13.63 -15.18
C SER A 592 1.06 -13.30 -15.67
N ASN A 593 0.06 -13.83 -14.97
CA ASN A 593 -1.34 -13.62 -15.33
C ASN A 593 -2.09 -12.96 -14.17
N TRP A 594 -2.78 -11.86 -14.47
CA TRP A 594 -3.50 -11.12 -13.46
C TRP A 594 -5.02 -11.16 -13.65
N GLN A 595 -5.72 -10.97 -12.54
CA GLN A 595 -7.18 -10.96 -12.52
C GLN A 595 -7.62 -9.81 -11.63
N THR A 596 -8.90 -9.44 -11.72
CA THR A 596 -9.40 -8.35 -10.90
C THR A 596 -10.52 -8.84 -9.99
N GLY A 597 -10.67 -8.20 -8.83
CA GLY A 597 -11.71 -8.58 -7.91
C GLY A 597 -12.84 -7.57 -8.00
N SER A 598 -13.79 -7.69 -7.09
CA SER A 598 -14.93 -6.77 -7.07
C SER A 598 -14.60 -5.45 -6.40
N THR A 599 -15.26 -4.38 -6.83
CA THR A 599 -15.02 -3.09 -6.21
C THR A 599 -15.62 -3.06 -4.81
N LEU A 600 -15.16 -2.13 -3.98
CA LEU A 600 -15.64 -2.02 -2.61
C LEU A 600 -17.12 -1.66 -2.55
N PRO A 601 -17.85 -2.27 -1.60
CA PRO A 601 -19.27 -1.97 -1.47
C PRO A 601 -19.44 -0.63 -0.75
N ILE A 602 -20.15 0.29 -1.37
CA ILE A 602 -20.36 1.60 -0.77
C ILE A 602 -21.82 2.02 -0.87
N PRO A 603 -22.29 2.80 0.10
CA PRO A 603 -23.68 3.26 0.11
C PRO A 603 -23.95 4.33 -0.95
N PHE A 604 -25.21 4.44 -1.34
CA PHE A 604 -25.61 5.44 -2.32
C PHE A 604 -27.02 5.88 -2.01
N ARG A 605 -27.36 7.08 -2.43
CA ARG A 605 -28.69 7.62 -2.20
C ARG A 605 -28.98 8.64 -3.29
N TRP A 606 -30.22 8.66 -3.77
CA TRP A 606 -30.62 9.63 -4.77
C TRP A 606 -31.42 10.66 -3.98
N LYS A 607 -30.94 11.89 -3.93
CA LYS A 607 -31.63 12.94 -3.19
C LYS A 607 -32.93 13.28 -3.91
N SER A 608 -33.18 12.52 -4.97
CA SER A 608 -34.38 12.68 -5.79
C SER A 608 -34.11 11.91 -7.06
N SER A 609 -34.97 12.08 -8.04
CA SER A 609 -34.80 11.41 -9.31
C SER A 609 -33.71 12.16 -10.06
N SER A 610 -32.64 12.54 -9.34
CA SER A 610 -31.57 13.28 -10.00
C SER A 610 -30.21 13.42 -9.32
N ILE A 611 -30.15 13.67 -8.02
CA ILE A 611 -28.83 13.86 -7.40
C ILE A 611 -28.26 12.65 -6.67
N LEU A 612 -27.17 12.11 -7.22
CA LEU A 612 -26.50 10.96 -6.64
C LEU A 612 -25.50 11.33 -5.54
N GLU A 613 -25.66 10.67 -4.39
CA GLU A 613 -24.81 10.87 -3.24
C GLU A 613 -24.17 9.51 -2.94
N THR A 614 -22.85 9.41 -3.11
CA THR A 614 -22.15 8.17 -2.84
C THR A 614 -20.71 8.47 -2.42
N LEU A 615 -19.90 7.43 -2.23
CA LEU A 615 -18.50 7.60 -1.84
C LEU A 615 -17.56 7.33 -3.01
N GLU A 616 -16.32 7.80 -2.88
CA GLU A 616 -15.32 7.59 -3.92
C GLU A 616 -13.97 7.17 -3.34
N PRO A 617 -13.83 5.89 -2.97
CA PRO A 617 -12.59 5.37 -2.40
C PRO A 617 -11.49 5.48 -3.47
N SER A 618 -10.29 5.85 -3.07
CA SER A 618 -9.20 5.98 -4.05
C SER A 618 -7.86 5.36 -3.60
N GLU A 619 -6.98 6.18 -3.05
CA GLU A 619 -5.67 5.69 -2.61
C GLU A 619 -5.82 4.76 -1.41
N ALA A 620 -5.51 3.49 -1.63
CA ALA A 620 -5.68 2.47 -0.60
C ALA A 620 -4.45 1.60 -0.35
N ASP A 621 -4.46 0.95 0.80
CA ASP A 621 -3.36 0.08 1.19
C ASP A 621 -3.95 -1.09 1.97
N MET A 622 -3.38 -2.28 1.84
CA MET A 622 -3.92 -3.43 2.55
C MET A 622 -2.85 -4.25 3.26
N VAL A 623 -3.29 -5.04 4.24
CA VAL A 623 -2.40 -5.89 5.00
C VAL A 623 -3.14 -7.19 5.30
N GLU A 624 -2.40 -8.29 5.40
CA GLU A 624 -2.98 -9.59 5.68
C GLU A 624 -2.93 -9.83 7.18
N LEU A 625 -4.09 -10.08 7.78
CA LEU A 625 -4.18 -10.33 9.22
C LEU A 625 -3.74 -11.75 9.54
N GLN A 626 -3.61 -12.05 10.83
CA GLN A 626 -3.15 -13.36 11.26
C GLN A 626 -4.02 -14.53 10.79
N ASN A 627 -5.33 -14.31 10.71
CA ASN A 627 -6.24 -15.38 10.30
C ASN A 627 -6.51 -15.45 8.80
N GLY A 628 -5.75 -14.71 8.02
CA GLY A 628 -5.94 -14.74 6.58
C GLY A 628 -6.86 -13.67 6.01
N ASP A 629 -7.62 -13.00 6.85
CA ASP A 629 -8.49 -11.95 6.35
C ASP A 629 -7.62 -10.77 5.93
N LEU A 630 -8.10 -9.98 4.99
CA LEU A 630 -7.34 -8.83 4.53
C LEU A 630 -8.00 -7.55 5.02
N LEU A 631 -7.19 -6.67 5.60
CA LEU A 631 -7.68 -5.38 6.10
C LEU A 631 -7.19 -4.31 5.12
N LEU A 632 -8.14 -3.51 4.64
CA LEU A 632 -7.82 -2.46 3.68
C LEU A 632 -8.20 -1.10 4.24
N THR A 633 -7.33 -0.10 4.04
CA THR A 633 -7.63 1.24 4.50
C THR A 633 -7.63 2.12 3.26
N ALA A 634 -8.71 2.86 3.05
CA ALA A 634 -8.83 3.69 1.86
C ALA A 634 -9.14 5.16 2.09
N ARG A 635 -8.52 6.00 1.28
CA ARG A 635 -8.76 7.44 1.31
C ARG A 635 -10.12 7.63 0.65
N LEU A 636 -10.96 8.49 1.23
CA LEU A 636 -12.27 8.77 0.67
C LEU A 636 -12.25 10.17 0.09
N ASP A 637 -12.30 10.27 -1.23
CA ASP A 637 -12.29 11.57 -1.91
C ASP A 637 -13.66 12.10 -2.25
N PHE A 638 -13.71 13.41 -2.49
CA PHE A 638 -14.94 14.08 -2.85
C PHE A 638 -16.02 13.88 -1.78
N ASN A 639 -17.24 13.52 -2.17
CA ASN A 639 -18.31 13.36 -1.18
C ASN A 639 -18.07 12.28 -0.13
N GLN A 640 -18.23 12.64 1.14
CA GLN A 640 -18.03 11.70 2.25
C GLN A 640 -19.27 11.45 3.10
N ILE A 641 -20.37 12.12 2.77
CA ILE A 641 -21.62 11.95 3.53
C ILE A 641 -22.70 11.33 2.67
N VAL A 642 -23.30 10.24 3.16
CA VAL A 642 -24.37 9.56 2.43
C VAL A 642 -25.51 9.26 3.40
N ASN A 643 -26.69 9.77 3.07
CA ASN A 643 -27.86 9.57 3.91
C ASN A 643 -27.64 9.97 5.37
N GLY A 644 -26.99 11.12 5.56
CA GLY A 644 -26.76 11.62 6.91
C GLY A 644 -25.59 11.02 7.67
N VAL A 645 -24.94 10.01 7.09
CA VAL A 645 -23.80 9.36 7.74
C VAL A 645 -22.49 9.90 7.17
N ASN A 646 -21.62 10.40 8.04
CA ASN A 646 -20.33 10.94 7.62
C ASN A 646 -19.30 9.83 7.75
N TYR A 647 -18.75 9.39 6.62
CA TYR A 647 -17.76 8.32 6.64
C TYR A 647 -16.32 8.78 6.86
N SER A 648 -16.12 10.09 6.99
CA SER A 648 -14.81 10.69 7.23
C SER A 648 -13.87 10.61 6.03
N PRO A 649 -12.64 11.14 6.16
CA PRO A 649 -11.70 11.10 5.05
C PRO A 649 -11.01 9.75 4.84
N ARG A 650 -11.32 8.77 5.69
CA ARG A 650 -10.71 7.44 5.57
C ARG A 650 -11.64 6.35 6.07
N GLN A 651 -11.67 5.22 5.38
CA GLN A 651 -12.55 4.12 5.75
C GLN A 651 -11.85 2.76 5.59
N GLN A 652 -12.07 1.87 6.55
CA GLN A 652 -11.47 0.53 6.50
C GLN A 652 -12.47 -0.51 6.01
N PHE A 653 -11.95 -1.51 5.29
CA PHE A 653 -12.76 -2.60 4.73
C PHE A 653 -12.09 -3.94 5.05
N LEU A 654 -12.87 -5.01 4.98
CA LEU A 654 -12.34 -6.34 5.28
C LEU A 654 -12.73 -7.35 4.19
N SER A 655 -11.80 -8.25 3.86
CA SER A 655 -12.07 -9.29 2.87
C SER A 655 -11.81 -10.65 3.51
N LYS A 656 -12.76 -11.58 3.35
CA LYS A 656 -12.63 -12.92 3.92
C LYS A 656 -12.42 -13.98 2.84
N ASP A 657 -12.22 -13.55 1.60
CA ASP A 657 -12.02 -14.51 0.51
C ASP A 657 -10.77 -14.25 -0.33
N GLY A 658 -9.71 -13.77 0.32
CA GLY A 658 -8.47 -13.51 -0.38
C GLY A 658 -8.43 -12.24 -1.20
N GLY A 659 -9.35 -11.31 -0.94
CA GLY A 659 -9.36 -10.06 -1.67
C GLY A 659 -10.30 -9.97 -2.85
N ILE A 660 -11.13 -10.99 -3.05
CA ILE A 660 -12.06 -10.95 -4.17
C ILE A 660 -13.20 -10.00 -3.86
N THR A 661 -13.79 -10.13 -2.67
CA THR A 661 -14.88 -9.27 -2.26
C THR A 661 -14.58 -8.63 -0.91
N TRP A 662 -15.22 -7.50 -0.66
CA TRP A 662 -15.00 -6.74 0.58
C TRP A 662 -16.28 -6.35 1.31
N SER A 663 -16.11 -5.92 2.55
CA SER A 663 -17.20 -5.45 3.39
C SER A 663 -16.72 -4.20 4.12
N LEU A 664 -17.58 -3.19 4.18
CA LEU A 664 -17.24 -1.95 4.86
C LEU A 664 -17.37 -2.16 6.36
N LEU A 665 -16.30 -1.87 7.10
CA LEU A 665 -16.30 -2.06 8.55
C LEU A 665 -16.96 -0.87 9.24
N GLU A 666 -18.17 -1.08 9.74
CA GLU A 666 -18.91 -0.02 10.39
C GLU A 666 -18.16 0.60 11.56
N ALA A 667 -18.15 1.93 11.60
CA ALA A 667 -17.49 2.71 12.64
C ALA A 667 -15.98 2.56 12.68
N ASN A 668 -15.41 1.96 11.65
CA ASN A 668 -13.96 1.79 11.59
C ASN A 668 -13.46 2.68 10.47
N ASN A 669 -13.30 3.97 10.78
CA ASN A 669 -12.86 4.97 9.83
C ASN A 669 -11.73 5.83 10.41
N ALA A 670 -11.68 7.10 10.03
CA ALA A 670 -10.63 7.98 10.53
C ALA A 670 -10.62 8.08 12.06
N ASN A 671 -11.80 7.91 12.65
CA ASN A 671 -11.92 8.02 14.10
C ASN A 671 -11.14 7.01 14.94
N VAL A 672 -10.71 5.90 14.33
CA VAL A 672 -9.96 4.90 15.08
C VAL A 672 -8.51 5.34 15.28
N PHE A 673 -8.08 6.33 14.51
CA PHE A 673 -6.71 6.85 14.62
C PHE A 673 -6.71 8.18 15.36
N SER A 674 -6.50 8.13 16.67
CA SER A 674 -6.49 9.35 17.47
C SER A 674 -5.48 10.38 16.94
N ASN A 675 -5.93 11.63 16.87
CA ASN A 675 -5.10 12.75 16.41
C ASN A 675 -4.63 12.71 14.96
N ILE A 676 -5.32 11.94 14.12
CA ILE A 676 -4.94 11.87 12.71
C ILE A 676 -5.40 13.17 12.03
N SER A 677 -4.72 13.55 10.95
CA SER A 677 -5.11 14.76 10.22
C SER A 677 -6.51 14.60 9.67
N THR A 678 -7.24 15.70 9.56
CA THR A 678 -8.59 15.67 9.03
C THR A 678 -8.63 15.89 7.52
N GLY A 679 -7.46 16.06 6.91
CA GLY A 679 -7.41 16.26 5.47
C GLY A 679 -7.12 14.97 4.71
N THR A 680 -7.72 14.81 3.53
CA THR A 680 -7.50 13.62 2.73
C THR A 680 -6.06 13.55 2.25
N VAL A 681 -5.46 12.36 2.38
CA VAL A 681 -4.07 12.15 2.00
C VAL A 681 -3.81 10.64 1.97
N ASP A 682 -2.76 10.21 1.27
CA ASP A 682 -2.44 8.79 1.22
C ASP A 682 -1.76 8.38 2.52
N ALA A 683 -2.02 7.16 2.95
CA ALA A 683 -1.44 6.62 4.18
C ALA A 683 -0.72 5.33 3.81
N SER A 684 -0.21 4.63 4.83
CA SER A 684 0.47 3.36 4.61
C SER A 684 0.11 2.46 5.79
N ILE A 685 0.07 1.15 5.53
CA ILE A 685 -0.22 0.18 6.58
C ILE A 685 0.62 -1.04 6.28
N THR A 686 1.12 -1.71 7.33
CA THR A 686 1.95 -2.89 7.11
C THR A 686 2.04 -3.75 8.37
N ARG A 687 2.44 -5.01 8.20
CA ARG A 687 2.59 -5.93 9.30
C ARG A 687 4.02 -5.90 9.82
N PHE A 688 4.18 -6.02 11.14
CA PHE A 688 5.50 -6.06 11.75
C PHE A 688 5.56 -7.32 12.60
N GLU A 689 6.54 -8.16 12.36
CA GLU A 689 6.69 -9.41 13.10
C GLU A 689 8.01 -9.43 13.85
N GLN A 690 7.95 -9.68 15.16
CA GLN A 690 9.16 -9.72 15.96
C GLN A 690 9.79 -11.10 15.94
N SER A 691 10.99 -11.22 16.50
CA SER A 691 11.71 -12.48 16.54
C SER A 691 10.98 -13.57 17.32
N ASP A 692 10.38 -13.21 18.45
CA ASP A 692 9.66 -14.18 19.27
C ASP A 692 8.41 -14.73 18.57
N GLY A 693 8.08 -14.18 17.41
CA GLY A 693 6.92 -14.66 16.68
C GLY A 693 5.71 -13.74 16.79
N SER A 694 5.70 -12.87 17.79
CA SER A 694 4.59 -11.95 18.00
C SER A 694 4.50 -10.99 16.82
N HIS A 695 3.35 -10.34 16.67
CA HIS A 695 3.16 -9.42 15.56
C HIS A 695 2.13 -8.36 15.86
N PHE A 696 2.14 -7.30 15.06
CA PHE A 696 1.18 -6.21 15.18
C PHE A 696 1.20 -5.38 13.89
N LEU A 697 0.29 -4.42 13.80
CA LEU A 697 0.20 -3.57 12.61
C LEU A 697 0.75 -2.17 12.85
N LEU A 698 1.28 -1.58 11.78
CA LEU A 698 1.82 -0.23 11.81
C LEU A 698 1.09 0.60 10.75
N PHE A 699 0.83 1.87 11.06
CA PHE A 699 0.12 2.77 10.14
C PHE A 699 0.74 4.17 10.20
N THR A 700 0.99 4.79 9.05
CA THR A 700 1.56 6.14 9.04
C THR A 700 0.66 7.12 8.28
N ASN A 701 0.60 8.36 8.76
CA ASN A 701 -0.23 9.41 8.17
C ASN A 701 0.09 10.71 8.90
N PRO A 702 -0.12 11.86 8.25
CA PRO A 702 0.15 13.14 8.92
C PRO A 702 -0.82 13.32 10.09
N GLN A 703 -0.40 14.06 11.11
CA GLN A 703 -1.24 14.32 12.28
C GLN A 703 -1.91 15.68 12.12
N GLY A 704 -1.26 16.54 11.34
CA GLY A 704 -1.74 17.90 11.16
C GLY A 704 -1.04 18.72 12.23
N ASN A 705 -1.13 20.05 12.15
CA ASN A 705 -0.51 20.90 13.15
C ASN A 705 -1.37 22.13 13.38
N PRO A 706 -2.06 22.21 14.54
CA PRO A 706 -2.08 21.25 15.65
C PRO A 706 -2.57 19.85 15.26
N ALA A 707 -2.21 18.86 16.05
CA ALA A 707 -2.63 17.49 15.79
C ALA A 707 -4.15 17.40 15.75
N GLY A 708 -4.67 16.64 14.80
CA GLY A 708 -6.11 16.48 14.69
C GLY A 708 -6.76 17.55 13.82
N THR A 709 -5.95 18.37 13.17
CA THR A 709 -6.47 19.40 12.29
C THR A 709 -6.13 19.07 10.85
N ASN A 710 -6.63 19.88 9.92
CA ASN A 710 -6.38 19.64 8.51
C ASN A 710 -5.04 20.22 8.08
N GLY A 711 -4.13 19.33 7.67
CA GLY A 711 -2.83 19.78 7.24
C GLY A 711 -1.86 18.63 7.08
N ARG A 712 -1.05 18.69 6.03
CA ARG A 712 -0.06 17.66 5.77
C ARG A 712 1.21 18.02 6.53
N GLN A 713 1.13 17.84 7.85
CA GLN A 713 2.20 18.14 8.78
C GLN A 713 2.35 17.04 9.83
N ASN A 714 3.56 16.93 10.37
CA ASN A 714 3.90 16.00 11.44
C ASN A 714 3.45 14.54 11.28
N LEU A 715 4.18 13.78 10.48
CA LEU A 715 3.86 12.37 10.27
C LEU A 715 3.80 11.63 11.60
N GLY A 716 2.76 10.83 11.78
CA GLY A 716 2.62 10.05 13.00
C GLY A 716 2.65 8.56 12.73
N LEU A 717 2.89 7.77 13.77
CA LEU A 717 2.93 6.31 13.67
C LEU A 717 1.94 5.70 14.66
N TRP A 718 1.00 4.89 14.16
CA TRP A 718 0.01 4.24 15.00
C TRP A 718 0.27 2.73 15.01
N PHE A 719 -0.10 2.06 16.11
CA PHE A 719 0.08 0.62 16.27
C PHE A 719 -1.25 -0.07 16.59
N SER A 720 -1.43 -1.30 16.08
CA SER A 720 -2.63 -2.05 16.40
C SER A 720 -2.21 -3.43 16.89
N PHE A 721 -2.57 -3.74 18.12
CA PHE A 721 -2.22 -5.02 18.72
C PHE A 721 -3.41 -5.98 18.75
N ASP A 722 -4.50 -5.59 18.10
CA ASP A 722 -5.69 -6.44 18.08
C ASP A 722 -6.31 -6.63 16.70
N GLU A 723 -5.45 -6.78 15.70
CA GLU A 723 -5.90 -7.02 14.34
C GLU A 723 -6.73 -5.90 13.70
N GLY A 724 -6.41 -4.66 14.02
CA GLY A 724 -7.12 -3.55 13.41
C GLY A 724 -8.42 -3.10 14.06
N VAL A 725 -8.74 -3.64 15.23
CA VAL A 725 -9.95 -3.24 15.93
C VAL A 725 -9.71 -1.87 16.55
N THR A 726 -8.56 -1.70 17.17
CA THR A 726 -8.20 -0.42 17.79
C THR A 726 -6.73 -0.09 17.49
N TRP A 727 -6.39 1.18 17.65
CA TRP A 727 -5.03 1.64 17.40
C TRP A 727 -4.55 2.50 18.57
N LYS A 728 -3.28 2.37 18.90
CA LYS A 728 -2.71 3.13 20.01
C LYS A 728 -2.11 4.45 19.55
N GLY A 729 -2.57 5.54 20.18
CA GLY A 729 -2.15 6.90 19.90
C GLY A 729 -0.90 7.04 19.06
N PRO A 730 -0.75 8.10 18.26
CA PRO A 730 0.46 8.19 17.46
C PRO A 730 1.73 8.67 18.15
N ILE A 731 2.85 8.16 17.65
CA ILE A 731 4.16 8.58 18.11
C ILE A 731 4.56 9.47 16.94
N GLN A 732 4.90 10.73 17.21
CA GLN A 732 5.29 11.64 16.13
C GLN A 732 6.68 11.30 15.59
N LEU A 733 6.77 11.10 14.29
CA LEU A 733 8.05 10.76 13.67
C LEU A 733 8.71 11.93 12.95
N VAL A 734 7.90 12.90 12.53
CA VAL A 734 8.41 14.05 11.79
C VAL A 734 7.86 15.37 12.33
N ASN A 735 8.72 16.39 12.39
CA ASN A 735 8.30 17.70 12.87
C ASN A 735 8.40 18.70 11.72
N GLY A 736 7.30 18.82 10.97
CA GLY A 736 7.26 19.72 9.83
C GLY A 736 6.41 19.10 8.74
N ALA A 737 6.62 19.53 7.50
CA ALA A 737 5.84 19.01 6.37
C ALA A 737 5.88 17.48 6.29
N SER A 738 4.71 16.89 6.07
CA SER A 738 4.58 15.44 5.96
C SER A 738 3.34 15.13 5.13
N ALA A 739 3.54 14.56 3.94
CA ALA A 739 2.41 14.23 3.08
C ALA A 739 2.31 12.72 2.88
N TYR A 740 2.46 12.27 1.64
CA TYR A 740 2.38 10.84 1.34
C TYR A 740 3.53 10.08 2.00
N SER A 741 3.28 8.84 2.39
CA SER A 741 4.29 8.01 3.04
C SER A 741 4.07 6.52 2.81
N ASP A 742 5.12 5.73 3.07
CA ASP A 742 5.03 4.27 2.97
C ASP A 742 5.98 3.68 4.01
N ILE A 743 5.52 2.63 4.70
CA ILE A 743 6.32 2.00 5.74
C ILE A 743 6.39 0.50 5.47
N TYR A 744 7.55 -0.10 5.75
CA TYR A 744 7.74 -1.53 5.52
C TYR A 744 8.74 -2.09 6.55
N GLN A 745 8.57 -3.34 6.96
CA GLN A 745 9.50 -3.92 7.92
C GLN A 745 10.85 -4.21 7.27
N LEU A 746 11.91 -3.74 7.93
CA LEU A 746 13.28 -3.91 7.45
C LEU A 746 13.93 -5.17 8.01
N ASP A 747 13.75 -5.39 9.31
CA ASP A 747 14.29 -6.56 9.99
C ASP A 747 13.49 -6.76 11.27
N SER A 748 13.90 -7.71 12.10
CA SER A 748 13.16 -8.02 13.32
C SER A 748 12.99 -6.88 14.31
N GLU A 749 13.78 -5.83 14.19
CA GLU A 749 13.67 -4.72 15.14
C GLU A 749 13.40 -3.36 14.53
N ASN A 750 13.51 -3.24 13.21
CA ASN A 750 13.31 -1.95 12.57
C ASN A 750 12.38 -1.92 11.36
N ALA A 751 11.80 -0.75 11.13
CA ALA A 751 10.92 -0.51 9.99
C ALA A 751 11.46 0.69 9.25
N ILE A 752 11.31 0.71 7.93
CA ILE A 752 11.80 1.83 7.16
C ILE A 752 10.61 2.60 6.64
N VAL A 753 10.74 3.92 6.65
CA VAL A 753 9.68 4.80 6.20
C VAL A 753 10.20 5.79 5.16
N ILE A 754 9.45 5.96 4.08
CA ILE A 754 9.81 6.94 3.07
C ILE A 754 8.65 7.93 3.14
N VAL A 755 8.97 9.22 3.21
CA VAL A 755 7.92 10.23 3.34
C VAL A 755 8.17 11.55 2.63
N GLU A 756 7.12 12.11 2.04
CA GLU A 756 7.22 13.40 1.35
C GLU A 756 7.27 14.50 2.41
N THR A 757 8.27 15.37 2.32
CA THR A 757 8.40 16.45 3.29
C THR A 757 8.45 17.83 2.64
N ASP A 758 9.45 18.64 2.99
CA ASP A 758 9.55 19.99 2.41
C ASP A 758 9.66 19.96 0.89
N ASN A 759 8.76 20.71 0.24
CA ASN A 759 8.72 20.78 -1.22
C ASN A 759 8.65 19.38 -1.83
N SER A 760 8.00 18.50 -1.09
CA SER A 760 7.80 17.10 -1.47
C SER A 760 9.06 16.24 -1.46
N ASN A 761 10.19 16.79 -1.00
CA ASN A 761 11.42 16.01 -0.95
C ASN A 761 11.12 14.74 -0.15
N MET A 762 11.44 13.59 -0.71
CA MET A 762 11.18 12.33 -0.03
C MET A 762 12.38 11.88 0.78
N ARG A 763 12.13 11.66 2.07
CA ARG A 763 13.17 11.26 3.01
C ARG A 763 12.98 9.88 3.62
N ILE A 764 14.08 9.31 4.08
CA ILE A 764 14.09 7.99 4.70
C ILE A 764 14.26 8.07 6.21
N LEU A 765 13.44 7.29 6.91
CA LEU A 765 13.48 7.20 8.37
C LEU A 765 13.64 5.71 8.68
N ARG A 766 14.55 5.38 9.58
CA ARG A 766 14.74 3.98 9.95
C ARG A 766 14.42 3.93 11.43
N MET A 767 13.23 3.43 11.75
CA MET A 767 12.73 3.39 13.12
C MET A 767 12.83 2.09 13.90
N PRO A 768 13.31 2.17 15.16
CA PRO A 768 13.46 1.02 16.04
C PRO A 768 12.09 0.72 16.64
N ILE A 769 11.27 0.01 15.89
CA ILE A 769 9.90 -0.32 16.31
C ILE A 769 9.78 -1.02 17.64
N THR A 770 10.63 -2.00 17.91
CA THR A 770 10.57 -2.73 19.17
C THR A 770 10.90 -1.85 20.37
N LEU A 771 11.54 -0.72 20.12
CA LEU A 771 11.88 0.20 21.19
C LEU A 771 10.76 1.24 21.34
N LEU A 772 10.31 1.78 20.21
CA LEU A 772 9.25 2.78 20.21
C LEU A 772 7.96 2.25 20.81
N LYS A 773 7.68 0.97 20.62
CA LYS A 773 6.47 0.35 21.15
C LYS A 773 6.36 0.51 22.67
N GLN A 774 7.50 0.68 23.32
CA GLN A 774 7.51 0.83 24.78
C GLN A 774 7.14 2.22 25.27
N LYS A 775 7.04 3.17 24.35
CA LYS A 775 6.69 4.55 24.70
C LYS A 775 5.17 4.75 24.71
N LEU A 776 4.43 3.72 24.28
CA LEU A 776 2.97 3.80 24.23
C LEU A 776 2.37 3.73 25.64
N THR A 777 2.64 2.64 26.34
CA THR A 777 2.12 2.44 27.69
C THR A 777 3.21 1.93 28.63
C1 GOL B . -7.91 11.24 -7.46
O1 GOL B . -8.11 11.87 -8.92
C2 GOL B . -7.77 11.96 -6.27
O2 GOL B . -8.89 12.63 -5.96
C3 GOL B . -6.66 11.78 -5.82
O3 GOL B . -5.19 11.25 -5.70
CA CA C . 2.10 14.76 -19.09
CA CA D . -0.55 4.36 0.38
CA CA E . -15.38 12.28 -11.21
CA CA F . 11.92 11.23 -21.80
C TRS G . -16.82 13.92 -9.44
C1 TRS G . -17.16 14.42 -10.85
C2 TRS G . -15.54 14.64 -9.01
C3 TRS G . -18.08 14.25 -8.62
N TRS G . -16.51 12.49 -9.27
O1 TRS G . -17.46 13.32 -11.81
O2 TRS G . -14.40 14.24 -9.87
O3 TRS G . -18.52 15.60 -8.69
C1 SIA H . 37.45 17.18 30.68
C2 SIA H . 36.54 18.34 30.31
C3 SIA H . 36.02 18.15 28.87
C4 SIA H . 35.09 16.94 28.76
C5 SIA H . 34.00 17.02 29.82
C6 SIA H . 34.65 17.15 31.20
C7 SIA H . 33.62 17.16 32.32
C8 SIA H . 34.31 17.01 33.68
C9 SIA H . 33.29 17.03 34.81
C10 SIA H . 31.87 15.93 29.45
C11 SIA H . 31.07 14.64 29.42
N5 SIA H . 33.16 15.84 29.77
O1A SIA H . 38.14 16.63 29.78
O1B SIA H . 37.50 16.81 31.87
O2 SIA H . 37.22 19.54 30.41
O4 SIA H . 34.51 16.90 27.46
O6 SIA H . 35.44 18.36 31.24
O7 SIA H . 32.88 18.37 32.28
O8 SIA H . 35.06 15.81 33.71
O9 SIA H . 32.40 15.93 34.65
O10 SIA H . 31.33 17.00 29.17
#